data_5EO2
#
_entry.id   5EO2
#
_cell.length_a   44.980
_cell.length_b   127.630
_cell.length_c   97.680
_cell.angle_alpha   90.00
_cell.angle_beta   93.71
_cell.angle_gamma   90.00
#
_symmetry.space_group_name_H-M   'P 1 21 1'
#
loop_
_entity.id
_entity.type
_entity.pdbx_description
1 polymer thioesterase
2 non-polymer 'COENZYME A'
3 water water
#
_entity_poly.entity_id   1
_entity_poly.type   'polypeptide(L)'
_entity_poly.pdbx_seq_one_letter_code
;SNAMIKQLFTHTQTVTSEFIDHNNHMHDANYNIIFSDVVNRFNYSHGLSLKERENLAYTLFTLEEHTTYLSELSLGDVFT
VTLYIYDYDYKRLHLFLTLTKEDGTLASTNEVMMMGINQHTRRSDAFPESFSTQIAHYYKNQPTITWPEQLGHKIAIPHK
GALK
;
_entity_poly.pdbx_strand_id   A,B,C,D,E,F
#
# COMPACT_ATOMS: atom_id res chain seq x y z
N ILE A 5 -21.79 -22.12 0.12
CA ILE A 5 -20.71 -23.12 -0.16
C ILE A 5 -20.09 -22.86 -1.54
N LYS A 6 -18.84 -22.43 -1.52
CA LYS A 6 -18.10 -22.24 -2.76
C LYS A 6 -17.38 -23.54 -3.15
N GLN A 7 -17.19 -23.76 -4.44
CA GLN A 7 -16.65 -25.03 -4.94
C GLN A 7 -15.45 -24.85 -5.88
N LEU A 8 -14.54 -25.81 -5.84
CA LEU A 8 -13.34 -25.81 -6.67
C LEU A 8 -13.01 -27.22 -7.16
N PHE A 9 -13.16 -27.42 -8.46
CA PHE A 9 -12.70 -28.63 -9.13
C PHE A 9 -11.19 -28.81 -8.88
N THR A 10 -10.81 -30.03 -8.50
CA THR A 10 -9.45 -30.30 -8.03
C THR A 10 -8.95 -31.67 -8.49
N HIS A 11 -7.68 -31.76 -8.84
CA HIS A 11 -7.06 -33.05 -9.14
C HIS A 11 -5.68 -33.14 -8.51
N THR A 12 -5.54 -34.09 -7.57
CA THR A 12 -4.30 -34.31 -6.85
C THR A 12 -3.62 -35.55 -7.39
N GLN A 13 -2.32 -35.46 -7.61
CA GLN A 13 -1.53 -36.61 -7.96
C GLN A 13 -0.08 -36.35 -7.58
N THR A 14 0.77 -37.35 -7.79
CA THR A 14 2.16 -37.28 -7.38
C THR A 14 3.08 -37.38 -8.60
N VAL A 15 4.23 -36.69 -8.50
CA VAL A 15 5.25 -36.75 -9.52
C VAL A 15 5.82 -38.17 -9.52
N THR A 16 5.72 -38.85 -10.67
CA THR A 16 6.21 -40.21 -10.83
C THR A 16 7.49 -40.20 -11.68
N SER A 17 8.09 -41.38 -11.81
CA SER A 17 9.32 -41.56 -12.58
C SER A 17 9.17 -41.19 -14.06
N GLU A 18 7.96 -41.42 -14.59
CA GLU A 18 7.65 -41.14 -16.00
C GLU A 18 7.78 -39.65 -16.30
N PHE A 19 7.45 -38.81 -15.33
CA PHE A 19 7.39 -37.37 -15.50
C PHE A 19 8.74 -36.68 -15.41
N ILE A 20 9.80 -37.44 -15.16
CA ILE A 20 11.15 -36.91 -14.99
C ILE A 20 12.13 -37.48 -16.05
N ASP A 21 12.87 -36.58 -16.71
CA ASP A 21 13.90 -36.99 -17.69
C ASP A 21 15.33 -36.71 -17.19
N HIS A 22 15.58 -35.51 -16.67
CA HIS A 22 16.94 -35.09 -16.31
C HIS A 22 17.01 -34.28 -15.01
N ASN A 23 18.03 -34.57 -14.20
CA ASN A 23 18.35 -33.81 -12.98
C ASN A 23 17.22 -33.66 -11.98
N ASN A 24 16.42 -34.72 -11.81
CA ASN A 24 15.35 -34.78 -10.81
C ASN A 24 14.44 -33.53 -10.74
N HIS A 25 13.83 -33.20 -11.87
CA HIS A 25 12.75 -32.21 -11.90
C HIS A 25 11.72 -32.65 -12.93
N MET A 26 10.45 -32.31 -12.69
CA MET A 26 9.37 -32.70 -13.61
C MET A 26 9.57 -32.01 -14.96
N HIS A 27 9.62 -32.81 -16.04
CA HIS A 27 9.85 -32.31 -17.40
C HIS A 27 8.78 -31.26 -17.77
N ASP A 28 9.20 -30.21 -18.48
CA ASP A 28 8.33 -29.03 -18.73
C ASP A 28 6.99 -29.33 -19.42
N ALA A 29 7.02 -30.18 -20.45
CA ALA A 29 5.82 -30.49 -21.21
C ALA A 29 4.85 -31.39 -20.44
N ASN A 30 5.36 -32.13 -19.45
CA ASN A 30 4.55 -33.01 -18.62
C ASN A 30 3.54 -32.22 -17.76
N TYR A 31 3.93 -31.00 -17.39
CA TYR A 31 2.99 -30.04 -16.80
C TYR A 31 1.80 -29.83 -17.73
N ASN A 32 2.09 -29.62 -19.01
CA ASN A 32 1.04 -29.42 -20.04
C ASN A 32 0.15 -30.66 -20.21
N ILE A 33 0.77 -31.84 -20.18
CA ILE A 33 0.04 -33.09 -20.22
C ILE A 33 -0.98 -33.13 -19.10
N ILE A 34 -0.52 -32.81 -17.89
CA ILE A 34 -1.35 -32.81 -16.69
C ILE A 34 -2.49 -31.78 -16.80
N PHE A 35 -2.13 -30.54 -17.15
CA PHE A 35 -3.12 -29.46 -17.27
C PHE A 35 -4.23 -29.83 -18.25
N SER A 36 -3.84 -30.40 -19.40
CA SER A 36 -4.81 -30.86 -20.41
C SER A 36 -5.72 -31.94 -19.84
N ASP A 37 -5.09 -32.93 -19.23
CA ASP A 37 -5.82 -34.05 -18.60
C ASP A 37 -6.89 -33.56 -17.62
N VAL A 38 -6.52 -32.59 -16.77
CA VAL A 38 -7.41 -32.04 -15.74
C VAL A 38 -8.53 -31.19 -16.38
N VAL A 39 -8.18 -30.45 -17.44
CA VAL A 39 -9.16 -29.66 -18.18
C VAL A 39 -10.23 -30.55 -18.84
N ASN A 40 -9.82 -31.68 -19.42
CA ASN A 40 -10.80 -32.65 -19.94
C ASN A 40 -11.71 -33.17 -18.84
N ARG A 41 -11.10 -33.48 -17.69
CA ARG A 41 -11.82 -33.93 -16.49
C ARG A 41 -12.90 -32.95 -16.07
N PHE A 42 -12.62 -31.66 -16.18
CA PHE A 42 -13.64 -30.67 -15.88
C PHE A 42 -14.79 -30.63 -16.94
N ASN A 43 -14.44 -30.74 -18.21
CA ASN A 43 -15.47 -30.80 -19.23
C ASN A 43 -16.16 -32.17 -19.28
N TYR A 44 -15.45 -33.24 -18.96
CA TYR A 44 -16.16 -34.51 -18.91
C TYR A 44 -17.25 -34.46 -17.86
N SER A 45 -16.99 -33.78 -16.75
CA SER A 45 -18.00 -33.70 -15.69
C SER A 45 -18.98 -32.50 -15.79
N HIS A 46 -18.91 -31.70 -16.87
CA HIS A 46 -19.77 -30.49 -16.97
C HIS A 46 -20.61 -30.37 -18.21
N GLY A 47 -21.04 -31.51 -18.75
CA GLY A 47 -21.88 -31.58 -19.96
C GLY A 47 -21.16 -32.05 -21.21
N LEU A 48 -19.85 -32.23 -21.18
CA LEU A 48 -19.24 -32.61 -22.44
C LEU A 48 -18.38 -33.85 -22.32
N SER A 49 -19.07 -34.93 -22.01
CA SER A 49 -18.46 -36.23 -21.93
C SER A 49 -18.07 -36.65 -23.31
N LEU A 50 -17.09 -37.50 -23.42
CA LEU A 50 -16.76 -38.05 -24.71
C LEU A 50 -18.04 -38.66 -25.27
N LYS A 51 -18.77 -39.33 -24.39
CA LYS A 51 -20.08 -39.88 -24.75
C LYS A 51 -21.11 -38.76 -24.88
N GLU A 52 -20.79 -37.55 -24.47
CA GLU A 52 -21.77 -36.49 -24.58
C GLU A 52 -21.33 -35.66 -25.75
N ARG A 53 -20.19 -35.00 -25.67
CA ARG A 53 -19.77 -34.28 -26.88
C ARG A 53 -20.06 -35.12 -28.17
N LEU A 60 -15.14 -29.63 -28.40
CA LEU A 60 -14.18 -28.66 -27.80
C LEU A 60 -12.73 -28.72 -28.35
N PHE A 61 -12.20 -27.59 -28.80
CA PHE A 61 -10.82 -27.49 -29.32
C PHE A 61 -10.02 -26.46 -28.53
N THR A 62 -8.83 -26.87 -28.08
CA THR A 62 -7.86 -25.95 -27.46
C THR A 62 -7.28 -24.95 -28.47
N LEU A 63 -7.67 -23.69 -28.35
CA LEU A 63 -7.17 -22.64 -29.25
C LEU A 63 -5.82 -22.11 -28.75
N GLU A 64 -5.69 -21.87 -27.45
CA GLU A 64 -4.49 -21.15 -26.95
C GLU A 64 -4.14 -21.52 -25.51
N GLU A 65 -2.85 -21.39 -25.17
CA GLU A 65 -2.40 -21.69 -23.81
C GLU A 65 -1.07 -21.04 -23.43
N HIS A 66 -1.01 -20.62 -22.17
CA HIS A 66 0.14 -19.98 -21.57
C HIS A 66 0.51 -20.81 -20.34
N THR A 67 1.81 -21.04 -20.15
CA THR A 67 2.27 -21.81 -18.99
C THR A 67 3.46 -21.12 -18.34
N THR A 68 3.41 -20.98 -17.01
CA THR A 68 4.55 -20.46 -16.24
C THR A 68 5.01 -21.52 -15.24
N TYR A 69 6.31 -21.73 -15.16
CA TYR A 69 6.91 -22.69 -14.24
C TYR A 69 7.67 -21.93 -13.16
N LEU A 70 7.15 -21.96 -11.94
CA LEU A 70 7.67 -21.11 -10.85
C LEU A 70 8.45 -21.86 -9.77
N SER A 71 8.09 -23.11 -9.52
CA SER A 71 8.76 -23.91 -8.51
C SER A 71 9.02 -25.34 -9.00
N GLU A 72 10.26 -25.80 -8.83
CA GLU A 72 10.67 -27.14 -9.29
C GLU A 72 9.87 -28.25 -8.62
N LEU A 73 9.60 -29.33 -9.35
CA LEU A 73 8.83 -30.48 -8.84
C LEU A 73 9.67 -31.76 -8.86
N SER A 74 9.97 -32.30 -7.68
CA SER A 74 10.86 -33.47 -7.55
C SER A 74 10.11 -34.80 -7.43
N LEU A 75 10.89 -35.88 -7.44
CA LEU A 75 10.38 -37.23 -7.25
C LEU A 75 9.59 -37.41 -5.95
N GLY A 76 8.39 -37.97 -6.07
CA GLY A 76 7.55 -38.24 -4.94
C GLY A 76 6.69 -37.07 -4.51
N ASP A 77 6.98 -35.87 -5.02
CA ASP A 77 6.25 -34.66 -4.64
C ASP A 77 4.80 -34.69 -5.10
N VAL A 78 3.89 -34.56 -4.14
CA VAL A 78 2.45 -34.54 -4.39
C VAL A 78 2.02 -33.10 -4.61
N PHE A 79 1.18 -32.90 -5.62
CA PHE A 79 0.68 -31.57 -5.99
C PHE A 79 -0.80 -31.63 -6.34
N THR A 80 -1.38 -30.44 -6.41
CA THR A 80 -2.80 -30.28 -6.72
C THR A 80 -3.00 -29.24 -7.85
N VAL A 81 -3.82 -29.62 -8.83
CA VAL A 81 -4.26 -28.72 -9.87
C VAL A 81 -5.70 -28.26 -9.59
N THR A 82 -5.86 -26.94 -9.47
CA THR A 82 -7.16 -26.31 -9.18
C THR A 82 -7.60 -25.49 -10.38
N LEU A 83 -8.85 -25.68 -10.78
CA LEU A 83 -9.39 -25.07 -11.97
C LEU A 83 -10.31 -23.88 -11.63
N TYR A 84 -10.02 -22.71 -12.23
CA TYR A 84 -10.91 -21.53 -12.16
C TYR A 84 -11.39 -21.13 -13.56
N ILE A 85 -12.65 -20.71 -13.68
CA ILE A 85 -13.10 -20.01 -14.88
C ILE A 85 -12.78 -18.51 -14.75
N TYR A 86 -11.96 -17.99 -15.66
CA TYR A 86 -11.61 -16.58 -15.66
C TYR A 86 -12.61 -15.76 -16.48
N ASP A 87 -13.15 -16.38 -17.52
CA ASP A 87 -14.08 -15.71 -18.43
C ASP A 87 -14.63 -16.77 -19.38
N TYR A 88 -15.79 -16.47 -19.99
CA TYR A 88 -16.36 -17.35 -20.99
C TYR A 88 -17.43 -16.67 -21.84
N ASP A 89 -17.75 -17.29 -22.96
CA ASP A 89 -18.72 -16.80 -23.92
C ASP A 89 -19.44 -17.98 -24.65
N LEU A 93 -14.04 -21.29 -23.90
CA LEU A 93 -14.04 -20.56 -22.66
C LEU A 93 -12.64 -20.42 -22.01
N HIS A 94 -12.48 -19.30 -21.29
CA HIS A 94 -11.19 -18.86 -20.76
C HIS A 94 -10.96 -19.42 -19.33
N LEU A 95 -9.98 -20.33 -19.21
CA LEU A 95 -9.64 -20.97 -17.95
C LEU A 95 -8.31 -20.51 -17.38
N PHE A 96 -8.23 -20.61 -16.05
CA PHE A 96 -6.99 -20.41 -15.33
C PHE A 96 -6.81 -21.56 -14.31
N LEU A 97 -5.73 -22.33 -14.46
CA LEU A 97 -5.45 -23.45 -13.56
C LEU A 97 -4.17 -23.20 -12.75
N THR A 98 -4.22 -23.53 -11.44
CA THR A 98 -3.07 -23.36 -10.56
C THR A 98 -2.54 -24.72 -10.18
N LEU A 99 -1.22 -24.86 -10.19
CA LEU A 99 -0.56 -26.06 -9.70
C LEU A 99 0.19 -25.69 -8.41
N THR A 100 -0.32 -26.19 -7.28
CA THR A 100 0.23 -25.88 -5.95
C THR A 100 0.79 -27.12 -5.24
N LYS A 101 1.85 -26.89 -4.47
CA LYS A 101 2.51 -27.91 -3.66
C LYS A 101 1.63 -28.34 -2.48
N GLU A 102 2.18 -29.20 -1.63
CA GLU A 102 1.56 -29.59 -0.35
C GLU A 102 1.59 -28.44 0.65
N ASP A 103 2.66 -27.61 0.56
CA ASP A 103 2.80 -26.38 1.37
C ASP A 103 1.77 -25.32 0.96
N GLY A 104 1.16 -25.50 -0.21
CA GLY A 104 0.29 -24.50 -0.80
C GLY A 104 1.07 -23.61 -1.77
N THR A 105 2.40 -23.82 -1.86
CA THR A 105 3.29 -23.06 -2.73
C THR A 105 2.82 -23.18 -4.18
N LEU A 106 2.53 -22.03 -4.77
CA LEU A 106 2.18 -21.94 -6.18
C LEU A 106 3.40 -22.39 -7.03
N ALA A 107 3.28 -23.56 -7.64
CA ALA A 107 4.41 -24.20 -8.37
C ALA A 107 4.35 -23.94 -9.88
N SER A 108 3.15 -23.82 -10.43
CA SER A 108 2.99 -23.55 -11.86
C SER A 108 1.64 -22.90 -12.14
N THR A 109 1.53 -22.25 -13.30
CA THR A 109 0.24 -21.74 -13.76
C THR A 109 -0.03 -22.12 -15.21
N ASN A 110 -1.33 -22.26 -15.52
CA ASN A 110 -1.80 -22.48 -16.87
C ASN A 110 -2.97 -21.55 -17.19
N GLU A 111 -2.93 -20.89 -18.35
CA GLU A 111 -4.03 -20.04 -18.83
C GLU A 111 -4.44 -20.60 -20.18
N VAL A 112 -5.73 -20.83 -20.42
CA VAL A 112 -6.09 -21.65 -21.57
C VAL A 112 -7.45 -21.32 -22.18
N MET A 113 -7.50 -21.28 -23.50
CA MET A 113 -8.66 -20.86 -24.26
C MET A 113 -9.11 -21.99 -25.21
N MET A 114 -10.40 -22.33 -25.13
CA MET A 114 -11.03 -23.28 -26.04
C MET A 114 -12.37 -22.82 -26.60
N MET A 115 -12.91 -23.59 -27.54
CA MET A 115 -14.13 -23.25 -28.25
C MET A 115 -14.74 -24.54 -28.75
N GLY A 116 -15.99 -24.46 -29.22
CA GLY A 116 -16.70 -25.61 -29.81
C GLY A 116 -16.62 -25.84 -31.33
N ILE A 117 -16.68 -27.10 -31.72
CA ILE A 117 -16.63 -27.52 -33.10
C ILE A 117 -17.81 -28.45 -33.35
N SER A 130 -26.32 -26.30 -22.77
CA SER A 130 -26.46 -26.93 -21.47
C SER A 130 -25.14 -27.12 -20.71
N PHE A 131 -24.03 -27.15 -21.42
CA PHE A 131 -22.73 -26.98 -20.78
C PHE A 131 -22.58 -25.54 -20.33
N SER A 132 -23.21 -24.62 -21.07
CA SER A 132 -23.35 -23.21 -20.72
C SER A 132 -24.02 -22.97 -19.36
N THR A 133 -24.59 -24.01 -18.77
CA THR A 133 -25.24 -23.93 -17.47
C THR A 133 -24.35 -24.45 -16.39
N GLN A 134 -23.65 -25.52 -16.69
CA GLN A 134 -22.78 -26.17 -15.75
C GLN A 134 -21.57 -25.32 -15.49
N ILE A 135 -21.11 -24.65 -16.55
CA ILE A 135 -19.97 -23.73 -16.49
C ILE A 135 -20.37 -22.37 -15.87
N ALA A 136 -21.61 -21.98 -16.12
CA ALA A 136 -22.17 -20.75 -15.54
C ALA A 136 -22.33 -20.84 -14.02
N HIS A 137 -22.98 -21.91 -13.55
CA HIS A 137 -23.14 -22.17 -12.12
C HIS A 137 -21.78 -22.57 -11.44
N TYR A 138 -20.84 -23.16 -12.17
CA TYR A 138 -19.50 -23.39 -11.62
C TYR A 138 -18.79 -22.05 -11.41
N TYR A 139 -18.96 -21.13 -12.36
CA TYR A 139 -18.36 -19.80 -12.26
C TYR A 139 -19.03 -18.97 -11.15
N LYS A 140 -20.36 -19.08 -11.05
CA LYS A 140 -21.12 -18.38 -10.01
C LYS A 140 -20.77 -18.90 -8.63
N ASN A 141 -20.46 -20.20 -8.52
CA ASN A 141 -20.14 -20.84 -7.24
C ASN A 141 -18.66 -21.06 -6.97
N GLN A 142 -17.79 -20.46 -7.77
CA GLN A 142 -16.34 -20.55 -7.51
C GLN A 142 -15.91 -19.40 -6.64
N PRO A 143 -14.93 -19.63 -5.73
CA PRO A 143 -14.49 -18.55 -4.84
C PRO A 143 -13.76 -17.40 -5.56
N THR A 144 -13.75 -16.25 -4.90
CA THR A 144 -13.01 -15.09 -5.34
C THR A 144 -11.56 -15.13 -4.86
N ILE A 145 -10.65 -15.16 -5.81
CA ILE A 145 -9.23 -15.01 -5.52
C ILE A 145 -8.68 -13.80 -6.26
N THR A 146 -7.54 -13.30 -5.81
CA THR A 146 -6.78 -12.33 -6.58
C THR A 146 -6.02 -13.10 -7.65
N TRP A 147 -6.29 -12.77 -8.91
CA TRP A 147 -5.55 -13.36 -10.02
C TRP A 147 -4.06 -12.97 -9.90
N PRO A 148 -3.16 -13.98 -9.91
CA PRO A 148 -1.72 -13.68 -9.83
C PRO A 148 -1.24 -12.90 -11.07
N GLU A 149 0.01 -12.41 -11.02
CA GLU A 149 0.57 -11.64 -12.13
C GLU A 149 0.85 -12.49 -13.37
N GLN A 150 0.80 -13.82 -13.22
CA GLN A 150 1.06 -14.75 -14.33
C GLN A 150 -0.04 -14.69 -15.37
N LEU A 151 -1.25 -14.32 -14.94
CA LEU A 151 -2.40 -14.28 -15.85
C LEU A 151 -2.26 -13.13 -16.87
N GLY A 152 -2.08 -13.50 -18.13
CA GLY A 152 -1.91 -12.54 -19.22
C GLY A 152 -0.60 -11.77 -19.14
N HIS A 153 0.45 -12.43 -18.69
CA HIS A 153 1.75 -11.81 -18.55
C HIS A 153 2.44 -11.97 -19.90
N LYS A 154 2.79 -10.87 -20.55
CA LYS A 154 3.47 -10.97 -21.85
C LYS A 154 4.88 -11.45 -21.59
N ILE A 155 5.33 -12.41 -22.39
CA ILE A 155 6.68 -12.95 -22.24
C ILE A 155 7.71 -11.93 -22.72
N ALA A 156 8.74 -11.70 -21.90
CA ALA A 156 9.83 -10.78 -22.26
C ALA A 156 11.03 -10.92 -21.32
N ILE A 157 12.21 -10.56 -21.82
CA ILE A 157 13.38 -10.39 -20.95
C ILE A 157 13.34 -8.95 -20.36
N PRO A 158 13.47 -8.83 -19.03
CA PRO A 158 13.49 -7.48 -18.42
C PRO A 158 14.78 -6.73 -18.74
N ILE B 5 -13.76 -32.08 -5.73
CA ILE B 5 -14.63 -30.93 -5.31
C ILE B 5 -14.29 -30.48 -3.88
N LYS B 6 -13.45 -29.46 -3.81
CA LYS B 6 -13.09 -28.84 -2.53
C LYS B 6 -14.13 -27.77 -2.18
N GLN B 7 -14.72 -27.91 -1.00
CA GLN B 7 -15.79 -27.01 -0.57
C GLN B 7 -15.26 -26.03 0.48
N LEU B 8 -15.82 -24.81 0.46
CA LEU B 8 -15.53 -23.82 1.47
C LEU B 8 -16.82 -23.22 2.04
N PHE B 9 -16.93 -23.22 3.36
CA PHE B 9 -18.02 -22.53 3.98
C PHE B 9 -17.68 -21.00 3.98
N THR B 10 -18.66 -20.21 3.57
CA THR B 10 -18.46 -18.86 3.12
C THR B 10 -19.66 -18.03 3.48
N HIS B 11 -19.45 -16.74 3.70
CA HIS B 11 -20.55 -15.81 3.95
C HIS B 11 -20.15 -14.47 3.39
N THR B 12 -21.06 -13.85 2.64
CA THR B 12 -20.76 -12.65 1.91
C THR B 12 -21.72 -11.57 2.32
N GLN B 13 -21.20 -10.38 2.55
CA GLN B 13 -22.00 -9.28 3.06
C GLN B 13 -21.45 -7.97 2.56
N THR B 14 -22.21 -6.90 2.75
CA THR B 14 -21.73 -5.58 2.41
C THR B 14 -21.62 -4.68 3.61
N VAL B 15 -20.61 -3.82 3.63
CA VAL B 15 -20.45 -2.87 4.71
C VAL B 15 -21.54 -1.82 4.62
N THR B 16 -22.36 -1.70 5.65
CA THR B 16 -23.39 -0.64 5.72
C THR B 16 -22.94 0.38 6.76
N SER B 17 -23.65 1.50 6.85
CA SER B 17 -23.34 2.52 7.83
C SER B 17 -23.47 2.01 9.27
N GLU B 18 -24.28 0.98 9.50
CA GLU B 18 -24.40 0.35 10.87
C GLU B 18 -23.06 -0.19 11.35
N PHE B 19 -22.15 -0.51 10.43
CA PHE B 19 -20.83 -1.03 10.74
C PHE B 19 -19.82 0.06 11.04
N ILE B 20 -20.18 1.32 10.90
CA ILE B 20 -19.22 2.42 10.86
C ILE B 20 -19.59 3.49 11.93
N ASP B 21 -18.71 3.69 12.91
CA ASP B 21 -18.90 4.67 13.96
C ASP B 21 -18.03 5.90 13.74
N HIS B 22 -16.77 5.70 13.34
CA HIS B 22 -15.82 6.78 13.15
C HIS B 22 -14.90 6.45 12.01
N ASN B 23 -14.19 7.47 11.56
CA ASN B 23 -13.12 7.33 10.57
C ASN B 23 -13.53 6.80 9.23
N ASN B 24 -14.83 6.88 8.87
CA ASN B 24 -15.29 6.42 7.58
C ASN B 24 -14.97 4.94 7.29
N HIS B 25 -14.79 4.13 8.31
CA HIS B 25 -14.51 2.71 8.08
C HIS B 25 -15.08 1.81 9.16
N MET B 26 -15.10 0.52 8.92
CA MET B 26 -15.68 -0.41 9.88
C MET B 26 -14.97 -0.43 11.24
N HIS B 27 -15.74 -0.24 12.29
CA HIS B 27 -15.32 -0.36 13.69
C HIS B 27 -14.62 -1.67 13.96
N ASP B 28 -13.56 -1.62 14.72
CA ASP B 28 -12.74 -2.83 14.96
C ASP B 28 -13.46 -4.02 15.55
N ALA B 29 -14.32 -3.79 16.54
CA ALA B 29 -15.07 -4.85 17.24
C ALA B 29 -16.18 -5.45 16.41
N ASN B 30 -16.66 -4.72 15.39
CA ASN B 30 -17.66 -5.26 14.46
C ASN B 30 -17.10 -6.38 13.64
N TYR B 31 -15.78 -6.37 13.42
CA TYR B 31 -15.14 -7.51 12.76
C TYR B 31 -15.34 -8.79 13.60
N ASN B 32 -15.23 -8.65 14.91
CA ASN B 32 -15.43 -9.74 15.83
C ASN B 32 -16.84 -10.21 15.84
N ILE B 33 -17.76 -9.27 15.72
CA ILE B 33 -19.16 -9.63 15.56
C ILE B 33 -19.38 -10.46 14.29
N ILE B 34 -18.83 -10.01 13.17
CA ILE B 34 -18.90 -10.74 11.91
C ILE B 34 -18.36 -12.18 12.01
N PHE B 35 -17.10 -12.28 12.42
CA PHE B 35 -16.45 -13.57 12.50
C PHE B 35 -17.21 -14.54 13.43
N SER B 36 -17.69 -14.03 14.56
CA SER B 36 -18.39 -14.86 15.50
C SER B 36 -19.68 -15.39 14.89
N ASP B 37 -20.40 -14.56 14.15
CA ASP B 37 -21.63 -14.99 13.49
C ASP B 37 -21.33 -16.07 12.43
N VAL B 38 -20.24 -15.91 11.69
CA VAL B 38 -19.88 -16.90 10.69
C VAL B 38 -19.55 -18.25 11.31
N VAL B 39 -18.76 -18.22 12.35
CA VAL B 39 -18.44 -19.42 13.11
C VAL B 39 -19.72 -20.13 13.58
N ASN B 40 -20.62 -19.35 14.14
CA ASN B 40 -21.92 -19.85 14.55
C ASN B 40 -22.72 -20.47 13.39
N ARG B 41 -22.68 -19.85 12.23
CA ARG B 41 -23.41 -20.41 11.06
C ARG B 41 -22.84 -21.78 10.68
N PHE B 42 -21.52 -21.88 10.68
CA PHE B 42 -20.84 -23.10 10.44
C PHE B 42 -21.24 -24.19 11.48
N ASN B 43 -21.04 -23.91 12.77
CA ASN B 43 -21.33 -24.89 13.84
C ASN B 43 -22.80 -25.26 13.88
N TYR B 44 -23.69 -24.32 13.57
CA TYR B 44 -25.11 -24.64 13.49
C TYR B 44 -25.40 -25.62 12.35
N SER B 45 -24.71 -25.44 11.23
CA SER B 45 -24.96 -26.27 10.07
C SER B 45 -24.15 -27.57 10.09
N HIS B 46 -23.29 -27.78 11.07
CA HIS B 46 -22.40 -28.96 11.05
C HIS B 46 -22.54 -29.88 12.26
N GLY B 47 -23.71 -29.88 12.88
CA GLY B 47 -24.02 -30.81 13.95
C GLY B 47 -24.25 -30.21 15.33
N LEU B 48 -24.24 -28.87 15.45
CA LEU B 48 -24.51 -28.22 16.72
C LEU B 48 -25.37 -26.99 16.62
N SER B 49 -26.51 -27.11 15.95
CA SER B 49 -27.52 -26.05 15.97
C SER B 49 -27.99 -25.81 17.37
N LEU B 50 -28.66 -24.68 17.58
CA LEU B 50 -29.15 -24.36 18.92
C LEU B 50 -30.14 -25.43 19.43
N LYS B 51 -30.95 -25.96 18.52
CA LYS B 51 -31.85 -27.07 18.80
C LYS B 51 -31.09 -28.29 19.27
N GLU B 52 -30.08 -28.70 18.51
CA GLU B 52 -29.21 -29.83 18.88
C GLU B 52 -28.47 -29.60 20.20
N ARG B 53 -28.09 -28.36 20.46
CA ARG B 53 -27.41 -27.99 21.70
C ARG B 53 -28.33 -28.18 22.88
N GLU B 54 -29.53 -27.60 22.80
CA GLU B 54 -30.54 -27.71 23.85
C GLU B 54 -30.90 -29.18 24.08
N ASN B 55 -31.02 -29.93 22.98
CA ASN B 55 -31.31 -31.36 23.02
C ASN B 55 -30.23 -32.12 23.76
N LEU B 56 -28.98 -31.98 23.36
CA LEU B 56 -27.88 -32.75 23.99
C LEU B 56 -27.39 -32.13 25.30
N ALA B 57 -28.01 -31.04 25.76
CA ALA B 57 -27.51 -30.26 26.90
C ALA B 57 -25.99 -30.00 26.77
N TYR B 58 -25.62 -29.50 25.58
CA TYR B 58 -24.23 -29.36 25.16
C TYR B 58 -24.07 -28.01 24.51
N THR B 59 -22.87 -27.43 24.63
CA THR B 59 -22.57 -26.18 23.93
C THR B 59 -21.09 -26.02 23.59
N LEU B 60 -20.77 -25.00 22.79
CA LEU B 60 -19.39 -24.63 22.51
C LEU B 60 -19.06 -23.26 23.11
N PHE B 61 -17.88 -23.15 23.71
CA PHE B 61 -17.37 -21.91 24.22
C PHE B 61 -16.09 -21.50 23.48
N THR B 62 -16.01 -20.22 23.15
CA THR B 62 -14.82 -19.61 22.64
C THR B 62 -13.85 -19.38 23.79
N LEU B 63 -12.64 -19.92 23.68
CA LEU B 63 -11.66 -19.77 24.72
C LEU B 63 -10.78 -18.59 24.44
N GLU B 64 -10.49 -18.38 23.17
CA GLU B 64 -9.31 -17.61 22.79
C GLU B 64 -9.47 -17.15 21.32
N GLU B 65 -9.12 -15.90 21.02
CA GLU B 65 -9.17 -15.44 19.63
C GLU B 65 -8.16 -14.38 19.32
N HIS B 66 -7.74 -14.33 18.06
CA HIS B 66 -6.74 -13.40 17.59
C HIS B 66 -7.21 -12.81 16.27
N THR B 67 -7.30 -11.48 16.20
CA THR B 67 -7.76 -10.79 15.03
C THR B 67 -6.70 -9.83 14.55
N THR B 68 -6.47 -9.84 13.24
CA THR B 68 -5.58 -8.89 12.59
C THR B 68 -6.38 -8.06 11.59
N TYR B 69 -5.98 -6.79 11.48
CA TYR B 69 -6.65 -5.80 10.62
C TYR B 69 -5.59 -5.31 9.64
N LEU B 70 -5.72 -5.74 8.41
CA LEU B 70 -4.72 -5.53 7.38
C LEU B 70 -5.08 -4.46 6.42
N SER B 71 -6.37 -4.30 6.15
CA SER B 71 -6.85 -3.32 5.18
C SER B 71 -8.24 -2.92 5.57
N GLU B 72 -8.52 -1.65 5.47
CA GLU B 72 -9.78 -1.12 5.98
C GLU B 72 -10.97 -1.40 5.11
N LEU B 73 -12.12 -1.55 5.73
CA LEU B 73 -13.39 -1.74 5.03
C LEU B 73 -14.20 -0.45 5.10
N SER B 74 -14.71 0.00 3.95
CA SER B 74 -15.46 1.28 3.79
C SER B 74 -16.89 1.04 3.35
N LEU B 75 -17.71 2.10 3.35
CA LEU B 75 -19.13 1.98 3.02
C LEU B 75 -19.33 1.30 1.71
N GLY B 76 -20.19 0.31 1.69
CA GLY B 76 -20.51 -0.30 0.42
C GLY B 76 -19.50 -1.31 -0.09
N ASP B 77 -18.38 -1.51 0.61
CA ASP B 77 -17.51 -2.67 0.34
C ASP B 77 -18.24 -3.98 0.52
N VAL B 78 -18.09 -4.87 -0.47
CA VAL B 78 -18.62 -6.22 -0.36
C VAL B 78 -17.50 -7.17 0.00
N PHE B 79 -17.62 -7.84 1.13
CA PHE B 79 -16.54 -8.74 1.58
C PHE B 79 -17.04 -10.16 1.74
N THR B 80 -16.09 -11.11 1.73
CA THR B 80 -16.40 -12.52 1.90
C THR B 80 -15.55 -13.11 3.00
N VAL B 81 -16.22 -13.80 3.93
CA VAL B 81 -15.56 -14.49 5.04
C VAL B 81 -15.48 -15.96 4.67
N THR B 82 -14.27 -16.51 4.70
CA THR B 82 -14.02 -17.90 4.41
C THR B 82 -13.48 -18.61 5.67
N LEU B 83 -14.03 -19.79 5.95
CA LEU B 83 -13.70 -20.54 7.17
C LEU B 83 -12.83 -21.77 6.87
N TYR B 84 -11.72 -21.86 7.59
CA TYR B 84 -10.86 -23.02 7.55
C TYR B 84 -10.81 -23.68 8.92
N ILE B 85 -10.86 -25.00 8.93
CA ILE B 85 -10.47 -25.76 10.09
C ILE B 85 -8.94 -25.89 9.98
N TYR B 86 -8.23 -25.37 10.97
CA TYR B 86 -6.77 -25.53 11.03
C TYR B 86 -6.41 -26.81 11.78
N ASP B 87 -7.19 -27.16 12.80
CA ASP B 87 -6.90 -28.30 13.65
C ASP B 87 -8.08 -28.61 14.53
N TYR B 88 -8.12 -29.87 15.00
CA TYR B 88 -9.19 -30.34 15.90
C TYR B 88 -8.77 -31.52 16.83
N ASP B 89 -9.68 -31.84 17.75
CA ASP B 89 -9.51 -32.75 18.86
C ASP B 89 -10.86 -33.41 19.09
N TYR B 90 -10.90 -34.35 20.03
CA TYR B 90 -12.18 -34.91 20.49
C TYR B 90 -13.13 -33.88 21.09
N LYS B 91 -12.61 -32.80 21.67
CA LYS B 91 -13.47 -31.75 22.27
C LYS B 91 -13.07 -30.31 21.93
N ARG B 92 -12.20 -30.12 20.93
CA ARG B 92 -11.70 -28.78 20.62
C ARG B 92 -11.69 -28.53 19.13
N LEU B 93 -11.68 -27.24 18.79
CA LEU B 93 -11.87 -26.77 17.41
C LEU B 93 -11.04 -25.50 17.17
N HIS B 94 -9.98 -25.62 16.37
CA HIS B 94 -9.04 -24.55 16.12
C HIS B 94 -9.32 -24.04 14.69
N LEU B 95 -9.96 -22.86 14.62
CA LEU B 95 -10.39 -22.28 13.36
C LEU B 95 -9.52 -21.12 12.92
N PHE B 96 -9.46 -20.91 11.61
CA PHE B 96 -8.85 -19.77 11.02
C PHE B 96 -9.75 -19.26 9.91
N LEU B 97 -10.16 -18.00 9.98
CA LEU B 97 -11.04 -17.38 9.04
C LEU B 97 -10.38 -16.18 8.36
N THR B 98 -10.67 -15.99 7.07
CA THR B 98 -10.16 -14.89 6.31
C THR B 98 -11.30 -14.01 5.89
N LEU B 99 -11.04 -12.71 5.86
CA LEU B 99 -12.00 -11.74 5.37
C LEU B 99 -11.32 -11.00 4.19
N THR B 100 -11.88 -11.24 3.01
CA THR B 100 -11.32 -10.78 1.73
C THR B 100 -12.28 -9.81 1.01
N LYS B 101 -11.71 -8.81 0.38
CA LYS B 101 -12.52 -7.85 -0.36
C LYS B 101 -12.85 -8.47 -1.70
N GLU B 102 -13.75 -7.82 -2.40
CA GLU B 102 -14.22 -8.30 -3.71
C GLU B 102 -13.11 -8.51 -4.74
N ASP B 103 -12.00 -7.81 -4.62
CA ASP B 103 -10.85 -8.00 -5.52
C ASP B 103 -9.85 -9.07 -5.01
N GLY B 104 -10.19 -9.71 -3.89
CA GLY B 104 -9.36 -10.72 -3.27
C GLY B 104 -8.35 -10.22 -2.26
N THR B 105 -8.26 -8.91 -2.03
CA THR B 105 -7.40 -8.36 -0.99
C THR B 105 -7.79 -8.94 0.39
N LEU B 106 -6.81 -9.55 1.06
CA LEU B 106 -6.95 -9.94 2.44
C LEU B 106 -7.16 -8.70 3.38
N ALA B 107 -8.37 -8.48 3.87
CA ALA B 107 -8.66 -7.37 4.74
C ALA B 107 -8.45 -7.69 6.23
N SER B 108 -8.69 -8.94 6.65
CA SER B 108 -8.68 -9.28 8.07
C SER B 108 -8.58 -10.79 8.29
N THR B 109 -8.02 -11.16 9.46
CA THR B 109 -7.90 -12.57 9.80
C THR B 109 -8.29 -12.84 11.21
N ASN B 110 -8.77 -14.05 11.47
CA ASN B 110 -9.33 -14.40 12.77
C ASN B 110 -9.04 -15.84 13.11
N GLU B 111 -8.24 -16.07 14.15
CA GLU B 111 -7.85 -17.39 14.60
C GLU B 111 -8.57 -17.62 15.90
N VAL B 112 -9.33 -18.69 15.99
CA VAL B 112 -10.15 -18.90 17.19
C VAL B 112 -10.11 -20.33 17.72
N MET B 113 -10.11 -20.46 19.05
CA MET B 113 -10.11 -21.75 19.73
C MET B 113 -11.44 -21.94 20.44
N MET B 114 -12.12 -23.02 20.11
CA MET B 114 -13.35 -23.40 20.80
C MET B 114 -13.25 -24.79 21.44
N MET B 115 -14.18 -25.06 22.34
CA MET B 115 -14.21 -26.29 23.09
C MET B 115 -15.63 -26.68 23.50
N GLY B 116 -15.96 -27.97 23.35
CA GLY B 116 -17.25 -28.48 23.74
C GLY B 116 -17.45 -28.54 25.26
N ILE B 117 -18.65 -28.17 25.71
CA ILE B 117 -18.94 -28.07 27.13
C ILE B 117 -20.19 -28.87 27.50
N ASN B 118 -20.05 -29.71 28.53
CA ASN B 118 -21.17 -30.49 29.10
C ASN B 118 -21.93 -29.60 30.05
N GLN B 119 -23.11 -29.18 29.65
CA GLN B 119 -23.90 -28.25 30.47
C GLN B 119 -24.28 -28.79 31.85
N HIS B 120 -24.38 -30.11 31.98
CA HIS B 120 -24.69 -30.74 33.25
C HIS B 120 -23.51 -30.68 34.24
N THR B 121 -22.32 -31.04 33.77
CA THR B 121 -21.10 -30.97 34.60
C THR B 121 -20.49 -29.58 34.58
N ARG B 122 -20.82 -28.80 33.54
CA ARG B 122 -20.22 -27.49 33.29
C ARG B 122 -18.69 -27.58 33.12
N ARG B 123 -18.21 -28.72 32.64
CA ARG B 123 -16.80 -28.94 32.32
C ARG B 123 -16.69 -29.30 30.84
N SER B 124 -15.46 -29.38 30.37
CA SER B 124 -15.19 -29.76 28.99
C SER B 124 -15.51 -31.25 28.78
N ASP B 125 -16.04 -31.59 27.62
CA ASP B 125 -16.45 -32.98 27.33
C ASP B 125 -16.47 -33.22 25.80
N ALA B 126 -16.35 -34.47 25.41
CA ALA B 126 -16.15 -34.87 24.01
C ALA B 126 -17.30 -34.48 23.13
N PHE B 127 -16.95 -34.06 21.91
CA PHE B 127 -17.94 -33.72 20.90
C PHE B 127 -18.86 -34.89 20.62
N PRO B 128 -20.15 -34.62 20.38
CA PRO B 128 -21.03 -35.68 19.92
C PRO B 128 -20.60 -36.15 18.55
N GLU B 129 -20.75 -37.46 18.29
CA GLU B 129 -20.14 -38.09 17.12
C GLU B 129 -20.57 -37.44 15.79
N SER B 130 -21.82 -37.01 15.68
CA SER B 130 -22.26 -36.33 14.45
C SER B 130 -21.38 -35.11 14.14
N PHE B 131 -21.15 -34.29 15.18
CA PHE B 131 -20.30 -33.12 15.06
C PHE B 131 -18.87 -33.46 14.65
N SER B 132 -18.22 -34.34 15.40
CA SER B 132 -16.85 -34.79 15.07
C SER B 132 -16.73 -35.32 13.64
N THR B 133 -17.76 -36.02 13.19
CA THR B 133 -17.75 -36.66 11.87
C THR B 133 -17.82 -35.59 10.80
N GLN B 134 -18.82 -34.71 10.90
CA GLN B 134 -19.01 -33.60 9.95
C GLN B 134 -17.79 -32.67 9.93
N ILE B 135 -17.17 -32.47 11.09
CA ILE B 135 -15.95 -31.68 11.19
C ILE B 135 -14.78 -32.33 10.46
N ALA B 136 -14.58 -33.61 10.72
CA ALA B 136 -13.53 -34.37 10.04
C ALA B 136 -13.74 -34.34 8.51
N HIS B 137 -15.00 -34.43 8.09
CA HIS B 137 -15.33 -34.42 6.68
C HIS B 137 -15.04 -33.07 6.03
N TYR B 138 -15.46 -31.98 6.69
CA TYR B 138 -15.14 -30.63 6.21
C TYR B 138 -13.65 -30.45 6.08
N TYR B 139 -12.91 -30.86 7.12
CA TYR B 139 -11.47 -30.76 7.11
C TYR B 139 -10.88 -31.48 5.92
N LYS B 140 -11.35 -32.71 5.68
CA LYS B 140 -10.84 -33.54 4.59
C LYS B 140 -10.98 -32.85 3.22
N ASN B 141 -12.10 -32.16 3.01
CA ASN B 141 -12.46 -31.62 1.69
C ASN B 141 -12.27 -30.12 1.54
N GLN B 142 -11.45 -29.51 2.40
CA GLN B 142 -11.10 -28.11 2.20
C GLN B 142 -9.79 -28.01 1.39
N PRO B 143 -9.61 -26.91 0.62
CA PRO B 143 -8.40 -26.74 -0.17
C PRO B 143 -7.13 -26.59 0.65
N THR B 144 -6.02 -27.12 0.15
CA THR B 144 -4.72 -26.90 0.79
C THR B 144 -4.18 -25.52 0.45
N ILE B 145 -4.26 -24.61 1.42
CA ILE B 145 -3.70 -23.26 1.28
C ILE B 145 -2.39 -23.08 2.02
N THR B 146 -1.67 -22.02 1.66
CA THR B 146 -0.53 -21.58 2.44
C THR B 146 -1.08 -20.72 3.59
N TRP B 147 -0.76 -21.10 4.82
CA TRP B 147 -1.21 -20.37 6.00
C TRP B 147 -0.52 -19.02 6.03
N PRO B 148 -1.31 -17.93 6.09
CA PRO B 148 -0.75 -16.59 6.19
C PRO B 148 0.15 -16.46 7.41
N GLU B 149 1.13 -15.57 7.37
CA GLU B 149 1.98 -15.28 8.53
C GLU B 149 1.22 -14.78 9.75
N GLN B 150 -0.03 -14.34 9.55
CA GLN B 150 -0.90 -13.88 10.63
C GLN B 150 -1.19 -14.99 11.62
N LEU B 151 -1.20 -16.23 11.13
CA LEU B 151 -1.53 -17.39 11.98
C LEU B 151 -0.41 -17.64 12.97
N GLY B 152 -0.74 -17.56 14.25
CA GLY B 152 0.24 -17.79 15.33
C GLY B 152 1.20 -16.64 15.57
N HIS B 153 0.91 -15.49 15.01
CA HIS B 153 1.74 -14.28 15.14
C HIS B 153 1.55 -13.64 16.53
N LYS B 154 2.66 -13.27 17.14
CA LYS B 154 2.67 -12.66 18.45
C LYS B 154 2.67 -11.12 18.34
N ILE B 155 1.80 -10.48 19.11
CA ILE B 155 1.67 -9.02 19.11
C ILE B 155 2.92 -8.39 19.67
N ALA B 156 3.46 -7.46 18.92
CA ALA B 156 4.71 -6.82 19.31
C ALA B 156 4.96 -5.58 18.47
N ILE B 157 5.59 -4.61 19.09
CA ILE B 157 6.15 -3.48 18.38
C ILE B 157 7.48 -3.95 17.73
N PRO B 158 7.60 -3.84 16.40
CA PRO B 158 8.78 -4.33 15.66
C PRO B 158 9.92 -3.35 15.69
N SER C 1 13.08 8.82 50.75
CA SER C 1 11.87 9.53 50.43
C SER C 1 12.03 9.28 48.98
N ASN C 2 11.09 9.57 48.09
CA ASN C 2 9.83 10.23 48.29
C ASN C 2 8.80 9.23 47.87
N ALA C 3 7.58 9.37 48.36
CA ALA C 3 6.53 8.47 47.99
C ALA C 3 5.87 8.86 46.66
N MET C 4 5.37 7.87 45.96
CA MET C 4 4.74 8.07 44.67
C MET C 4 3.40 7.44 44.55
N ILE C 5 2.49 8.21 44.02
CA ILE C 5 1.17 7.73 43.75
C ILE C 5 1.16 7.02 42.38
N LYS C 6 0.80 5.75 42.37
CA LYS C 6 0.52 4.99 41.18
C LYS C 6 -0.98 5.04 40.79
N GLN C 7 -1.24 4.93 39.48
CA GLN C 7 -2.58 5.18 38.95
C GLN C 7 -2.99 4.18 37.93
N LEU C 8 -4.27 3.81 37.94
CA LEU C 8 -4.86 2.86 37.00
C LEU C 8 -6.13 3.43 36.44
N PHE C 9 -6.25 3.33 35.11
CA PHE C 9 -7.46 3.67 34.40
C PHE C 9 -8.34 2.46 34.41
N THR C 10 -9.61 2.69 34.76
CA THR C 10 -10.58 1.63 35.08
C THR C 10 -11.98 2.00 34.56
N HIS C 11 -12.80 0.99 34.29
CA HIS C 11 -14.20 1.23 33.87
C HIS C 11 -15.07 0.09 34.31
N THR C 12 -16.14 0.41 35.05
CA THR C 12 -17.05 -0.60 35.64
C THR C 12 -18.42 -0.58 34.96
N GLN C 13 -18.93 -1.78 34.68
CA GLN C 13 -20.23 -1.91 34.04
C GLN C 13 -20.93 -3.17 34.55
N THR C 14 -22.18 -3.35 34.13
CA THR C 14 -22.91 -4.58 34.42
C THR C 14 -23.43 -5.21 33.15
N VAL C 15 -23.52 -6.54 33.14
CA VAL C 15 -23.96 -7.29 31.96
C VAL C 15 -25.48 -7.15 31.78
N THR C 16 -25.89 -6.45 30.75
CA THR C 16 -27.31 -6.25 30.43
C THR C 16 -27.79 -7.21 29.34
N SER C 17 -29.11 -7.21 29.12
CA SER C 17 -29.79 -8.07 28.13
C SER C 17 -29.23 -8.07 26.72
N GLU C 18 -28.90 -6.89 26.20
CA GLU C 18 -28.33 -6.74 24.85
C GLU C 18 -26.96 -7.42 24.66
N PHE C 19 -26.31 -7.83 25.74
CA PHE C 19 -25.03 -8.49 25.64
C PHE C 19 -25.15 -10.00 25.61
N ILE C 20 -26.29 -10.56 26.07
CA ILE C 20 -26.52 -12.02 26.05
C ILE C 20 -27.32 -12.41 24.82
N ASP C 21 -26.87 -13.47 24.16
CA ASP C 21 -27.60 -14.04 23.03
C ASP C 21 -28.25 -15.38 23.39
N HIS C 22 -27.54 -16.24 24.10
CA HIS C 22 -28.05 -17.58 24.42
C HIS C 22 -27.68 -18.02 25.81
N ASN C 23 -28.55 -18.86 26.40
CA ASN C 23 -28.31 -19.58 27.64
C ASN C 23 -27.60 -18.79 28.74
N ASN C 24 -28.03 -17.54 28.88
CA ASN C 24 -27.52 -16.68 29.93
C ASN C 24 -25.99 -16.54 30.07
N HIS C 25 -25.27 -16.42 28.96
CA HIS C 25 -23.86 -16.00 29.01
C HIS C 25 -23.59 -14.97 27.91
N MET C 26 -22.78 -13.96 28.25
CA MET C 26 -22.40 -12.88 27.32
C MET C 26 -21.78 -13.42 26.06
N HIS C 27 -22.19 -12.86 24.92
CA HIS C 27 -21.70 -13.30 23.60
C HIS C 27 -20.22 -12.90 23.47
N ASP C 28 -19.46 -13.78 22.82
CA ASP C 28 -18.00 -13.62 22.79
C ASP C 28 -17.51 -12.27 22.22
N ALA C 29 -18.21 -11.77 21.19
CA ALA C 29 -17.84 -10.52 20.50
C ALA C 29 -18.17 -9.26 21.30
N ASN C 30 -19.11 -9.39 22.23
CA ASN C 30 -19.44 -8.29 23.13
C ASN C 30 -18.30 -7.90 24.02
N TYR C 31 -17.51 -8.86 24.43
CA TYR C 31 -16.32 -8.59 25.23
C TYR C 31 -15.42 -7.64 24.45
N ASN C 32 -15.27 -7.90 23.17
CA ASN C 32 -14.52 -7.02 22.26
C ASN C 32 -15.11 -5.62 22.13
N ILE C 33 -16.42 -5.53 22.03
CA ILE C 33 -17.09 -4.26 22.01
C ILE C 33 -16.72 -3.47 23.24
N ILE C 34 -16.78 -4.13 24.40
CA ILE C 34 -16.45 -3.48 25.68
C ILE C 34 -14.99 -3.04 25.76
N PHE C 35 -14.10 -3.97 25.43
CA PHE C 35 -12.66 -3.66 25.41
C PHE C 35 -12.33 -2.48 24.50
N SER C 36 -12.91 -2.46 23.31
CA SER C 36 -12.65 -1.37 22.37
C SER C 36 -13.14 -0.03 22.91
N ASP C 37 -14.30 -0.04 23.54
CA ASP C 37 -14.82 1.16 24.13
C ASP C 37 -13.95 1.69 25.25
N VAL C 38 -13.41 0.78 26.05
CA VAL C 38 -12.56 1.20 27.17
C VAL C 38 -11.26 1.84 26.65
N VAL C 39 -10.69 1.21 25.63
CA VAL C 39 -9.53 1.75 24.96
C VAL C 39 -9.82 3.17 24.46
N ASN C 40 -10.95 3.35 23.81
CA ASN C 40 -11.36 4.64 23.32
C ASN C 40 -11.50 5.69 24.41
N ARG C 41 -12.12 5.33 25.53
CA ARG C 41 -12.21 6.23 26.67
C ARG C 41 -10.82 6.66 27.18
N PHE C 42 -9.91 5.69 27.29
CA PHE C 42 -8.51 5.98 27.68
C PHE C 42 -7.86 6.96 26.72
N ASN C 43 -7.90 6.66 25.43
CA ASN C 43 -7.26 7.57 24.44
C ASN C 43 -7.95 8.92 24.36
N TYR C 44 -9.28 8.96 24.55
CA TYR C 44 -9.99 10.25 24.58
C TYR C 44 -9.56 11.12 25.69
N SER C 45 -9.34 10.53 26.85
CA SER C 45 -8.91 11.30 28.03
C SER C 45 -7.39 11.49 28.13
N HIS C 46 -6.60 11.01 27.18
CA HIS C 46 -5.14 11.17 27.25
C HIS C 46 -4.52 11.90 26.06
N GLY C 47 -5.31 12.70 25.37
CA GLY C 47 -4.79 13.55 24.30
C GLY C 47 -5.26 13.26 22.90
N LEU C 48 -6.09 12.26 22.71
CA LEU C 48 -6.67 12.02 21.38
C LEU C 48 -8.17 11.81 21.46
N SER C 49 -8.84 12.84 21.94
CA SER C 49 -10.29 12.87 21.90
C SER C 49 -10.81 12.97 20.50
N LEU C 50 -12.09 12.74 20.33
CA LEU C 50 -12.74 12.89 19.03
C LEU C 50 -12.52 14.27 18.43
N LYS C 51 -12.71 15.30 19.25
CA LYS C 51 -12.49 16.66 18.81
C LYS C 51 -11.04 16.93 18.41
N GLU C 52 -10.09 16.43 19.23
CA GLU C 52 -8.66 16.55 18.95
C GLU C 52 -8.30 15.79 17.70
N ARG C 53 -8.91 14.66 17.45
CA ARG C 53 -8.66 13.90 16.23
C ARG C 53 -9.11 14.64 15.00
N GLU C 54 -10.30 15.22 15.06
CA GLU C 54 -10.85 15.97 13.94
C GLU C 54 -10.02 17.21 13.70
N ASN C 55 -9.60 17.86 14.76
CA ASN C 55 -8.77 19.07 14.66
C ASN C 55 -7.41 18.80 14.09
N LEU C 56 -6.79 17.68 14.41
CA LEU C 56 -5.45 17.32 13.92
C LEU C 56 -5.45 16.47 12.65
N ALA C 57 -6.64 16.12 12.15
CA ALA C 57 -6.75 15.19 11.02
C ALA C 57 -5.84 13.96 11.23
N TYR C 58 -5.98 13.40 12.40
CA TYR C 58 -5.20 12.26 12.83
C TYR C 58 -6.07 11.33 13.67
N THR C 59 -5.82 10.03 13.58
CA THR C 59 -6.54 9.06 14.38
C THR C 59 -5.74 7.80 14.68
N LEU C 60 -6.33 6.85 15.39
CA LEU C 60 -5.67 5.60 15.75
C LEU C 60 -6.38 4.45 15.12
N PHE C 61 -5.66 3.48 14.57
CA PHE C 61 -6.24 2.27 13.98
C PHE C 61 -5.79 1.07 14.82
N THR C 62 -6.69 0.11 15.01
CA THR C 62 -6.39 -1.11 15.68
C THR C 62 -5.77 -2.02 14.63
N LEU C 63 -4.59 -2.56 14.91
CA LEU C 63 -3.93 -3.44 13.98
C LEU C 63 -4.09 -4.89 14.27
N GLU C 64 -4.18 -5.22 15.52
CA GLU C 64 -4.09 -6.62 15.94
C GLU C 64 -4.66 -6.69 17.36
N GLU C 65 -5.33 -7.76 17.68
CA GLU C 65 -5.77 -7.98 19.04
C GLU C 65 -5.90 -9.45 19.41
N HIS C 66 -5.81 -9.74 20.70
CA HIS C 66 -5.89 -11.14 21.20
C HIS C 66 -6.81 -11.17 22.38
N THR C 67 -7.93 -11.90 22.28
CA THR C 67 -8.82 -12.05 23.43
C THR C 67 -8.86 -13.46 24.04
N THR C 68 -8.85 -13.55 25.37
CA THR C 68 -9.00 -14.85 26.04
C THR C 68 -10.21 -14.74 26.94
N TYR C 69 -11.04 -15.78 26.90
CA TYR C 69 -12.25 -15.82 27.68
C TYR C 69 -12.11 -16.89 28.80
N LEU C 70 -11.88 -16.44 30.02
CA LEU C 70 -11.53 -17.36 31.11
C LEU C 70 -12.69 -17.79 32.00
N SER C 71 -13.72 -16.96 32.14
CA SER C 71 -14.86 -17.28 32.98
C SER C 71 -16.08 -16.53 32.46
N GLU C 72 -17.13 -17.27 32.09
CA GLU C 72 -18.33 -16.64 31.48
C GLU C 72 -19.00 -15.62 32.37
N LEU C 73 -19.62 -14.62 31.76
CA LEU C 73 -20.39 -13.62 32.46
C LEU C 73 -21.88 -13.88 32.24
N SER C 74 -22.70 -13.51 33.22
CA SER C 74 -24.14 -13.71 33.16
C SER C 74 -24.85 -12.42 33.45
N LEU C 75 -26.15 -12.43 33.20
CA LEU C 75 -27.02 -11.26 33.38
C LEU C 75 -26.86 -10.74 34.79
N GLY C 76 -26.61 -9.44 34.93
CA GLY C 76 -26.49 -8.82 36.24
C GLY C 76 -25.07 -8.70 36.75
N ASP C 77 -24.17 -9.57 36.26
CA ASP C 77 -22.77 -9.57 36.69
C ASP C 77 -22.15 -8.19 36.51
N VAL C 78 -21.54 -7.68 37.58
CA VAL C 78 -20.77 -6.44 37.53
C VAL C 78 -19.31 -6.82 37.30
N PHE C 79 -18.67 -6.07 36.39
CA PHE C 79 -17.25 -6.28 36.06
C PHE C 79 -16.53 -4.99 35.90
N THR C 80 -15.22 -5.07 36.13
CA THR C 80 -14.32 -3.93 35.96
C THR C 80 -13.24 -4.24 34.93
N VAL C 81 -12.99 -3.25 34.08
CA VAL C 81 -11.96 -3.35 33.07
C VAL C 81 -10.82 -2.46 33.49
N THR C 82 -9.61 -3.02 33.53
CA THR C 82 -8.41 -2.26 33.93
C THR C 82 -7.42 -2.23 32.81
N LEU C 83 -6.89 -1.06 32.52
CA LEU C 83 -6.03 -0.85 31.39
C LEU C 83 -4.56 -0.68 31.74
N TYR C 84 -3.72 -1.50 31.13
CA TYR C 84 -2.25 -1.38 31.29
C TYR C 84 -1.59 -1.06 29.97
N ILE C 85 -0.61 -0.18 30.00
CA ILE C 85 0.24 0.00 28.85
C ILE C 85 1.36 -1.02 28.98
N TYR C 86 1.45 -1.94 28.03
CA TYR C 86 2.50 -2.94 28.01
C TYR C 86 3.75 -2.40 27.28
N ASP C 87 3.56 -1.61 26.24
CA ASP C 87 4.69 -1.07 25.47
C ASP C 87 4.17 0.01 24.55
N TYR C 88 5.07 0.88 24.10
CA TYR C 88 4.74 1.92 23.15
C TYR C 88 6.02 2.46 22.46
N ASP C 89 5.85 2.96 21.26
CA ASP C 89 6.91 3.68 20.59
C ASP C 89 6.34 4.97 20.06
N TYR C 90 7.06 5.64 19.20
CA TYR C 90 6.62 6.95 18.70
C TYR C 90 5.27 7.00 17.93
N LYS C 91 4.77 5.85 17.46
CA LYS C 91 3.48 5.80 16.79
C LYS C 91 2.61 4.59 17.06
N ARG C 92 2.99 3.75 18.02
CA ARG C 92 2.22 2.57 18.38
C ARG C 92 2.00 2.46 19.86
N LEU C 93 0.84 1.92 20.21
CA LEU C 93 0.48 1.65 21.60
C LEU C 93 0.12 0.18 21.74
N HIS C 94 0.82 -0.50 22.63
CA HIS C 94 0.61 -1.94 22.87
C HIS C 94 0.00 -2.08 24.30
N LEU C 95 -1.28 -2.37 24.36
CA LEU C 95 -2.04 -2.36 25.56
C LEU C 95 -2.46 -3.76 26.00
N PHE C 96 -2.67 -3.88 27.29
CA PHE C 96 -3.20 -5.09 27.87
C PHE C 96 -4.27 -4.71 28.86
N LEU C 97 -5.45 -5.28 28.70
CA LEU C 97 -6.58 -5.02 29.58
C LEU C 97 -7.05 -6.30 30.27
N THR C 98 -7.44 -6.17 31.54
CA THR C 98 -8.06 -7.30 32.27
C THR C 98 -9.52 -6.96 32.49
N LEU C 99 -10.35 -7.99 32.48
CA LEU C 99 -11.75 -7.87 32.83
C LEU C 99 -12.03 -8.83 33.97
N THR C 100 -12.34 -8.24 35.13
CA THR C 100 -12.47 -8.97 36.38
C THR C 100 -13.86 -8.83 36.98
N LYS C 101 -14.44 -9.97 37.42
CA LYS C 101 -15.76 -9.98 38.10
C LYS C 101 -15.61 -9.27 39.43
N GLU C 102 -16.74 -8.89 40.01
CA GLU C 102 -16.70 -8.20 41.30
C GLU C 102 -16.14 -9.13 42.38
N ASP C 103 -16.40 -10.44 42.24
CA ASP C 103 -15.82 -11.47 43.10
C ASP C 103 -14.36 -11.80 42.82
N GLY C 104 -13.77 -11.12 41.85
CA GLY C 104 -12.30 -11.10 41.69
C GLY C 104 -11.76 -12.07 40.67
N THR C 105 -12.56 -13.03 40.23
CA THR C 105 -12.23 -13.90 39.13
C THR C 105 -11.90 -13.09 37.83
N LEU C 106 -10.67 -13.22 37.37
CA LEU C 106 -10.28 -12.85 36.02
C LEU C 106 -11.17 -13.55 35.00
N ALA C 107 -12.01 -12.77 34.35
CA ALA C 107 -13.00 -13.31 33.41
C ALA C 107 -12.51 -13.24 31.94
N SER C 108 -11.72 -12.21 31.59
CA SER C 108 -11.23 -12.09 30.25
C SER C 108 -9.97 -11.23 30.19
N THR C 109 -9.17 -11.44 29.14
CA THR C 109 -8.03 -10.58 28.85
C THR C 109 -8.04 -10.12 27.40
N ASN C 110 -7.55 -8.92 27.17
CA ASN C 110 -7.46 -8.36 25.87
C ASN C 110 -6.08 -7.75 25.67
N GLU C 111 -5.38 -8.17 24.62
CA GLU C 111 -4.14 -7.54 24.26
C GLU C 111 -4.35 -6.87 22.91
N VAL C 112 -3.88 -5.66 22.71
CA VAL C 112 -4.20 -4.93 21.51
C VAL C 112 -3.08 -4.01 21.07
N MET C 113 -2.87 -3.94 19.75
CA MET C 113 -1.89 -3.05 19.13
C MET C 113 -2.62 -1.99 18.31
N MET C 114 -2.29 -0.75 18.53
CA MET C 114 -2.82 0.36 17.79
C MET C 114 -1.69 1.22 17.21
N MET C 115 -1.99 1.88 16.10
CA MET C 115 -1.05 2.76 15.44
C MET C 115 -1.74 4.07 15.02
N GLY C 116 -1.04 5.18 15.20
CA GLY C 116 -1.52 6.45 14.75
C GLY C 116 -1.41 6.59 13.22
N ILE C 117 -2.36 7.31 12.64
CA ILE C 117 -2.51 7.45 11.23
C ILE C 117 -2.73 8.94 10.88
N ASN C 118 -1.92 9.46 9.96
CA ASN C 118 -2.13 10.74 9.32
C ASN C 118 -3.25 10.57 8.30
N GLN C 119 -4.35 11.25 8.51
CA GLN C 119 -5.53 11.15 7.64
C GLN C 119 -5.37 11.84 6.30
N HIS C 120 -4.35 12.65 6.15
CA HIS C 120 -4.06 13.32 4.88
C HIS C 120 -3.20 12.44 4.00
N THR C 121 -2.20 11.76 4.56
CA THR C 121 -1.42 10.79 3.78
C THR C 121 -2.04 9.41 3.77
N ARG C 122 -2.90 9.15 4.75
CA ARG C 122 -3.50 7.81 4.96
C ARG C 122 -2.45 6.73 5.27
N ARG C 123 -1.32 7.14 5.77
CA ARG C 123 -0.28 6.23 6.23
C ARG C 123 -0.05 6.52 7.75
N SER C 124 0.73 5.66 8.39
CA SER C 124 1.13 5.82 9.77
C SER C 124 2.01 7.03 9.92
N ASP C 125 2.03 7.60 11.11
CA ASP C 125 2.79 8.82 11.38
C ASP C 125 2.92 8.99 12.90
N ALA C 126 3.84 9.81 13.34
CA ALA C 126 4.14 9.93 14.76
C ALA C 126 2.97 10.54 15.57
N PHE C 127 2.83 10.10 16.81
CA PHE C 127 1.83 10.67 17.71
C PHE C 127 2.06 12.14 17.91
N PRO C 128 1.02 12.94 18.15
CA PRO C 128 1.28 14.29 18.62
C PRO C 128 1.96 14.26 20.01
N GLU C 129 2.82 15.22 20.31
CA GLU C 129 3.60 15.19 21.54
C GLU C 129 2.76 15.18 22.84
N SER C 130 1.58 15.78 22.80
CA SER C 130 0.67 15.78 23.93
C SER C 130 0.29 14.35 24.30
N PHE C 131 -0.13 13.61 23.30
CA PHE C 131 -0.44 12.22 23.46
C PHE C 131 0.74 11.39 23.93
N SER C 132 1.90 11.52 23.30
CA SER C 132 3.08 10.77 23.71
C SER C 132 3.46 11.01 25.18
N THR C 133 3.42 12.28 25.57
CA THR C 133 3.71 12.68 26.89
C THR C 133 2.76 12.05 27.87
N GLN C 134 1.44 12.08 27.58
CA GLN C 134 0.47 11.56 28.51
C GLN C 134 0.51 10.03 28.60
N ILE C 135 0.79 9.37 27.49
CA ILE C 135 0.96 7.93 27.46
C ILE C 135 2.19 7.51 28.25
N ALA C 136 3.27 8.25 28.10
CA ALA C 136 4.51 7.98 28.85
C ALA C 136 4.29 8.18 30.34
N HIS C 137 3.55 9.21 30.70
CA HIS C 137 3.28 9.49 32.11
C HIS C 137 2.50 8.35 32.72
N TYR C 138 1.43 7.96 32.05
CA TYR C 138 0.63 6.83 32.49
C TYR C 138 1.43 5.55 32.66
N TYR C 139 2.24 5.21 31.68
CA TYR C 139 3.09 4.04 31.78
C TYR C 139 4.07 4.17 32.97
N LYS C 140 4.62 5.35 33.18
CA LYS C 140 5.57 5.55 34.22
C LYS C 140 4.93 5.34 35.62
N ASN C 141 3.68 5.76 35.76
CA ASN C 141 2.97 5.70 37.01
C ASN C 141 2.03 4.52 37.23
N GLN C 142 1.85 3.65 36.25
CA GLN C 142 1.06 2.46 36.46
C GLN C 142 1.71 1.43 37.44
N PRO C 143 0.91 0.63 38.12
CA PRO C 143 1.44 -0.36 39.04
C PRO C 143 2.19 -1.47 38.36
N THR C 144 3.27 -1.93 38.96
CA THR C 144 3.95 -3.14 38.51
C THR C 144 3.09 -4.36 38.77
N ILE C 145 2.80 -5.12 37.73
CA ILE C 145 2.07 -6.36 37.89
C ILE C 145 2.83 -7.46 37.21
N THR C 146 2.52 -8.68 37.60
CA THR C 146 3.05 -9.84 36.92
C THR C 146 2.16 -10.05 35.73
N TRP C 147 2.74 -9.98 34.54
CA TRP C 147 1.99 -10.12 33.34
C TRP C 147 1.48 -11.55 33.35
N PRO C 148 0.16 -11.72 33.20
CA PRO C 148 -0.42 -13.03 33.08
C PRO C 148 0.12 -13.85 31.92
N GLU C 149 -0.05 -15.18 32.01
CA GLU C 149 0.31 -16.13 30.98
C GLU C 149 -0.43 -15.88 29.64
N GLN C 150 -1.57 -15.21 29.69
CA GLN C 150 -2.36 -14.94 28.50
C GLN C 150 -1.69 -13.96 27.57
N LEU C 151 -0.83 -13.12 28.12
CA LEU C 151 -0.04 -12.21 27.34
C LEU C 151 0.98 -12.95 26.46
N GLY C 152 0.82 -12.76 25.14
CA GLY C 152 1.72 -13.33 24.14
C GLY C 152 1.49 -14.80 23.92
N HIS C 153 0.35 -15.31 24.30
CA HIS C 153 0.09 -16.73 24.20
C HIS C 153 -0.37 -17.13 22.79
N LYS C 154 0.26 -18.17 22.27
CA LYS C 154 -0.07 -18.73 20.95
C LYS C 154 -1.24 -19.67 21.05
N ILE C 155 -2.22 -19.51 20.18
CA ILE C 155 -3.36 -20.41 20.17
C ILE C 155 -2.92 -21.79 19.68
N ALA C 156 -3.20 -22.82 20.48
CA ALA C 156 -2.78 -24.19 20.15
C ALA C 156 -3.59 -25.22 20.94
N ILE C 157 -3.96 -26.29 20.24
CA ILE C 157 -4.53 -27.47 20.88
C ILE C 157 -3.40 -28.24 21.61
N PRO C 158 -3.50 -28.36 22.94
CA PRO C 158 -2.47 -29.00 23.75
C PRO C 158 -2.61 -30.52 23.75
N ILE D 5 25.12 -17.06 -46.45
CA ILE D 5 24.41 -18.36 -46.15
C ILE D 5 23.76 -18.35 -44.75
N LYS D 6 22.48 -17.98 -44.71
CA LYS D 6 21.73 -17.99 -43.47
C LYS D 6 21.12 -19.38 -43.15
N GLN D 7 21.12 -19.78 -41.87
CA GLN D 7 20.71 -21.13 -41.50
C GLN D 7 19.52 -21.17 -40.55
N LEU D 8 18.85 -22.32 -40.51
CA LEU D 8 17.71 -22.55 -39.61
C LEU D 8 17.74 -23.94 -39.00
N PHE D 9 17.61 -23.99 -37.67
CA PHE D 9 17.55 -25.25 -36.94
C PHE D 9 16.13 -25.79 -37.06
N THR D 10 16.02 -27.02 -37.56
CA THR D 10 14.76 -27.61 -38.01
C THR D 10 14.65 -29.09 -37.66
N HIS D 11 13.45 -29.53 -37.29
CA HIS D 11 13.13 -30.95 -37.11
C HIS D 11 11.82 -31.30 -37.80
N THR D 12 11.88 -32.32 -38.64
CA THR D 12 10.75 -32.77 -39.40
C THR D 12 10.28 -34.14 -38.87
N GLN D 13 8.96 -34.31 -38.82
CA GLN D 13 8.36 -35.44 -38.17
C GLN D 13 6.99 -35.72 -38.78
N THR D 14 6.55 -36.98 -38.68
CA THR D 14 5.22 -37.36 -39.14
C THR D 14 4.30 -37.59 -37.94
N VAL D 15 3.05 -37.16 -38.07
CA VAL D 15 2.05 -37.38 -37.03
C VAL D 15 1.70 -38.88 -37.00
N THR D 16 1.99 -39.53 -35.87
CA THR D 16 1.64 -40.93 -35.64
C THR D 16 0.43 -41.03 -34.75
N SER D 17 -0.19 -42.20 -34.74
CA SER D 17 -1.37 -42.49 -33.93
C SER D 17 -1.07 -42.39 -32.44
N GLU D 18 0.21 -42.53 -32.07
CA GLU D 18 0.63 -42.30 -30.69
C GLU D 18 0.29 -40.88 -30.23
N PHE D 19 0.23 -39.94 -31.18
CA PHE D 19 -0.08 -38.55 -30.90
C PHE D 19 -1.57 -38.22 -30.94
N ILE D 20 -2.41 -39.24 -31.20
CA ILE D 20 -3.86 -39.02 -31.33
C ILE D 20 -4.64 -39.84 -30.31
N ASP D 21 -5.49 -39.13 -29.57
CA ASP D 21 -6.41 -39.74 -28.60
C ASP D 21 -7.86 -39.60 -29.05
N HIS D 22 -8.27 -38.38 -29.42
CA HIS D 22 -9.66 -38.08 -29.82
C HIS D 22 -9.74 -37.18 -31.03
N ASN D 23 -10.94 -37.03 -31.57
CA ASN D 23 -11.22 -36.09 -32.69
C ASN D 23 -10.34 -36.30 -33.91
N ASN D 24 -9.72 -37.47 -33.96
CA ASN D 24 -8.83 -37.85 -35.06
C ASN D 24 -7.70 -36.88 -35.29
N HIS D 25 -7.37 -36.05 -34.30
CA HIS D 25 -6.34 -35.03 -34.49
C HIS D 25 -5.34 -35.04 -33.36
N MET D 26 -4.18 -34.41 -33.57
CA MET D 26 -3.11 -34.46 -32.57
C MET D 26 -3.54 -33.83 -31.25
N HIS D 27 -3.33 -34.54 -30.14
CA HIS D 27 -3.65 -34.05 -28.79
C HIS D 27 -2.84 -32.78 -28.51
N ASP D 28 -3.47 -31.83 -27.82
CA ASP D 28 -2.86 -30.52 -27.58
C ASP D 28 -1.49 -30.53 -26.86
N ALA D 29 -1.33 -31.43 -25.88
CA ALA D 29 -0.10 -31.51 -25.12
C ALA D 29 1.09 -32.12 -25.93
N ASN D 30 0.77 -32.99 -26.89
CA ASN D 30 1.81 -33.56 -27.79
C ASN D 30 2.58 -32.48 -28.57
N TYR D 31 1.89 -31.39 -28.94
CA TYR D 31 2.55 -30.24 -29.53
C TYR D 31 3.67 -29.74 -28.61
N ASN D 32 3.33 -29.58 -27.33
CA ASN D 32 4.29 -29.15 -26.31
C ASN D 32 5.47 -30.10 -26.18
N ILE D 33 5.17 -31.41 -26.27
CA ILE D 33 6.21 -32.45 -26.24
C ILE D 33 7.20 -32.26 -27.40
N ILE D 34 6.64 -32.10 -28.61
CA ILE D 34 7.45 -31.86 -29.82
C ILE D 34 8.35 -30.63 -29.64
N PHE D 35 7.73 -29.50 -29.29
CA PHE D 35 8.44 -28.24 -29.12
C PHE D 35 9.59 -28.32 -28.12
N SER D 36 9.28 -28.85 -26.94
CA SER D 36 10.27 -29.00 -25.89
C SER D 36 11.42 -29.87 -26.37
N ASP D 37 11.11 -30.98 -27.05
CA ASP D 37 12.13 -31.83 -27.66
C ASP D 37 13.04 -31.08 -28.66
N VAL D 38 12.47 -30.33 -29.58
CA VAL D 38 13.24 -29.57 -30.59
C VAL D 38 14.15 -28.51 -29.92
N VAL D 39 13.63 -27.83 -28.89
CA VAL D 39 14.43 -26.90 -28.09
C VAL D 39 15.62 -27.62 -27.46
N ASN D 40 15.36 -28.71 -26.77
CA ASN D 40 16.44 -29.51 -26.14
C ASN D 40 17.50 -29.93 -27.16
N ARG D 41 17.03 -30.39 -28.32
CA ARG D 41 17.93 -30.75 -29.41
C ARG D 41 18.79 -29.55 -29.86
N PHE D 42 18.21 -28.35 -29.85
CA PHE D 42 18.97 -27.15 -30.21
C PHE D 42 20.08 -26.86 -29.22
N ASN D 43 19.76 -26.92 -27.92
CA ASN D 43 20.73 -26.61 -26.87
C ASN D 43 21.84 -27.68 -26.78
N TYR D 44 21.50 -28.92 -27.15
CA TYR D 44 22.49 -30.01 -27.17
C TYR D 44 23.61 -29.78 -28.21
N SER D 45 23.21 -29.40 -29.43
CA SER D 45 24.17 -29.10 -30.49
C SER D 45 24.67 -27.65 -30.48
N HIS D 46 24.40 -26.92 -29.38
CA HIS D 46 24.79 -25.49 -29.23
C HIS D 46 25.06 -25.17 -27.76
N PHE D 61 16.43 -24.11 -16.87
CA PHE D 61 15.03 -24.53 -16.85
C PHE D 61 14.20 -23.66 -17.77
N THR D 62 13.07 -24.20 -18.21
CA THR D 62 12.07 -23.45 -18.92
C THR D 62 11.28 -22.64 -17.91
N LEU D 63 11.39 -21.31 -17.98
CA LEU D 63 10.61 -20.43 -17.11
C LEU D 63 9.16 -20.32 -17.54
N GLU D 64 8.94 -20.12 -18.83
CA GLU D 64 7.65 -19.65 -19.31
C GLU D 64 7.46 -20.01 -20.77
N GLU D 65 6.21 -20.17 -21.20
CA GLU D 65 5.92 -20.58 -22.57
C GLU D 65 4.46 -20.38 -22.97
N HIS D 66 4.27 -20.20 -24.28
CA HIS D 66 2.99 -19.84 -24.85
C HIS D 66 2.78 -20.61 -26.14
N THR D 67 1.66 -21.35 -26.24
CA THR D 67 1.38 -22.17 -27.43
C THR D 67 0.06 -21.77 -28.11
N THR D 68 0.09 -21.68 -29.45
CA THR D 68 -1.12 -21.42 -30.23
C THR D 68 -1.37 -22.56 -31.19
N TYR D 69 -2.65 -22.91 -31.34
CA TYR D 69 -3.09 -23.99 -32.20
C TYR D 69 -3.99 -23.45 -33.31
N LEU D 70 -3.42 -23.28 -34.50
CA LEU D 70 -4.06 -22.56 -35.61
C LEU D 70 -4.63 -23.45 -36.71
N SER D 71 -4.12 -24.67 -36.82
CA SER D 71 -4.59 -25.62 -37.82
C SER D 71 -4.33 -27.06 -37.34
N GLU D 72 -5.38 -27.88 -37.30
CA GLU D 72 -5.28 -29.22 -36.70
C GLU D 72 -4.42 -30.17 -37.51
N LEU D 73 -3.71 -31.05 -36.83
CA LEU D 73 -2.82 -32.01 -37.46
C LEU D 73 -3.49 -33.39 -37.55
N SER D 74 -3.54 -33.94 -38.76
CA SER D 74 -4.18 -35.23 -39.01
C SER D 74 -3.14 -36.36 -39.12
N LEU D 75 -3.67 -37.59 -39.10
CA LEU D 75 -2.87 -38.80 -39.32
C LEU D 75 -2.13 -38.77 -40.66
N GLY D 76 -0.80 -38.92 -40.62
CA GLY D 76 0.04 -38.93 -41.83
C GLY D 76 0.66 -37.59 -42.23
N ASP D 77 0.27 -36.49 -41.57
CA ASP D 77 0.85 -35.17 -41.85
C ASP D 77 2.32 -35.07 -41.51
N VAL D 78 3.12 -34.67 -42.50
CA VAL D 78 4.55 -34.41 -42.29
C VAL D 78 4.74 -32.92 -41.98
N PHE D 79 5.13 -32.63 -40.74
CA PHE D 79 5.31 -31.26 -40.28
C PHE D 79 6.77 -30.95 -39.95
N THR D 80 7.08 -29.65 -39.97
CA THR D 80 8.39 -29.13 -39.62
C THR D 80 8.31 -28.11 -38.49
N VAL D 81 9.18 -28.28 -37.49
CA VAL D 81 9.34 -27.32 -36.41
C VAL D 81 10.62 -26.56 -36.67
N THR D 82 10.51 -25.24 -36.72
CA THR D 82 11.62 -24.35 -37.03
C THR D 82 11.89 -23.41 -35.85
N LEU D 83 13.16 -23.33 -35.46
CA LEU D 83 13.56 -22.56 -34.28
C LEU D 83 14.13 -21.20 -34.65
N TYR D 84 13.57 -20.15 -34.03
CA TYR D 84 14.10 -18.79 -34.09
C TYR D 84 14.48 -18.31 -32.68
N ILE D 85 15.51 -17.50 -32.60
CA ILE D 85 15.80 -16.72 -31.39
C ILE D 85 15.22 -15.32 -31.58
N TYR D 86 14.17 -14.99 -30.82
CA TYR D 86 13.60 -13.63 -30.83
C TYR D 86 14.49 -12.68 -30.05
N ASP D 87 15.03 -13.16 -28.92
CA ASP D 87 15.87 -12.32 -28.06
C ASP D 87 16.73 -13.18 -27.13
N TYR D 88 17.83 -12.59 -26.68
CA TYR D 88 18.72 -13.27 -25.75
C TYR D 88 19.40 -12.25 -24.85
N ASP D 89 19.86 -12.73 -23.70
CA ASP D 89 20.45 -11.92 -22.67
C ASP D 89 21.66 -12.67 -22.11
N TYR D 90 22.35 -12.08 -21.15
CA TYR D 90 23.41 -12.77 -20.49
C TYR D 90 23.02 -14.14 -19.90
N LYS D 91 21.77 -14.30 -19.49
CA LYS D 91 21.35 -15.58 -18.90
C LYS D 91 20.02 -16.16 -19.38
N ARG D 92 19.34 -15.50 -20.31
CA ARG D 92 18.02 -15.95 -20.74
C ARG D 92 17.94 -16.15 -22.26
N LEU D 93 17.11 -17.12 -22.67
CA LEU D 93 16.78 -17.30 -24.09
C LEU D 93 15.29 -17.10 -24.33
N HIS D 94 14.94 -16.19 -25.25
CA HIS D 94 13.55 -15.96 -25.68
C HIS D 94 13.37 -16.54 -27.08
N LEU D 95 12.89 -17.78 -27.15
CA LEU D 95 12.72 -18.47 -28.43
C LEU D 95 11.34 -18.30 -29.01
N PHE D 96 11.26 -18.38 -30.35
CA PHE D 96 10.00 -18.50 -31.06
C PHE D 96 10.09 -19.65 -32.06
N LEU D 97 9.21 -20.64 -31.91
CA LEU D 97 9.24 -21.84 -32.76
C LEU D 97 7.96 -21.95 -33.57
N THR D 98 8.11 -22.28 -34.86
CA THR D 98 6.97 -22.44 -35.74
C THR D 98 6.77 -23.90 -36.09
N LEU D 99 5.51 -24.33 -36.15
CA LEU D 99 5.16 -25.67 -36.59
C LEU D 99 4.29 -25.56 -37.84
N THR D 100 4.86 -26.01 -38.97
CA THR D 100 4.21 -25.89 -40.28
C THR D 100 4.00 -27.25 -40.99
N LYS D 101 2.91 -27.33 -41.74
CA LYS D 101 2.63 -28.51 -42.56
C LYS D 101 3.58 -28.57 -43.78
N GLU D 102 3.55 -29.68 -44.51
CA GLU D 102 4.48 -29.90 -45.62
C GLU D 102 4.35 -28.87 -46.74
N ASP D 103 3.13 -28.34 -46.94
CA ASP D 103 2.92 -27.23 -47.88
C ASP D 103 3.50 -25.88 -47.44
N GLY D 104 3.47 -25.59 -46.14
CA GLY D 104 3.91 -24.29 -45.60
C GLY D 104 2.95 -23.64 -44.62
N THR D 105 1.72 -24.15 -44.55
CA THR D 105 0.70 -23.72 -43.59
C THR D 105 1.23 -23.64 -42.14
N LEU D 106 1.02 -22.49 -41.50
CA LEU D 106 1.32 -22.33 -40.08
C LEU D 106 0.28 -23.11 -39.23
N ALA D 107 0.71 -24.23 -38.65
CA ALA D 107 -0.17 -25.07 -37.88
C ALA D 107 -0.22 -24.71 -36.40
N SER D 108 0.94 -24.39 -35.81
CA SER D 108 1.03 -24.07 -34.39
C SER D 108 2.24 -23.21 -34.08
N THR D 109 2.21 -22.50 -32.95
CA THR D 109 3.36 -21.68 -32.53
C THR D 109 3.71 -21.88 -31.09
N ASN D 110 4.97 -21.67 -30.75
CA ASN D 110 5.44 -21.83 -29.38
C ASN D 110 6.54 -20.83 -29.04
N GLU D 111 6.22 -19.83 -28.22
CA GLU D 111 7.24 -18.85 -27.76
C GLU D 111 7.62 -19.18 -26.33
N VAL D 112 8.93 -19.18 -26.03
CA VAL D 112 9.40 -19.77 -24.77
C VAL D 112 10.57 -19.03 -24.14
N MET D 113 10.44 -18.74 -22.84
CA MET D 113 11.50 -18.08 -22.05
C MET D 113 12.18 -19.12 -21.20
N MET D 114 13.50 -19.23 -21.36
CA MET D 114 14.34 -20.16 -20.60
C MET D 114 15.41 -19.43 -19.79
N ILE D 135 24.75 -19.68 -30.13
CA ILE D 135 23.54 -18.90 -29.76
C ILE D 135 23.57 -17.46 -30.32
N ALA D 136 24.63 -16.74 -29.98
CA ALA D 136 24.86 -15.40 -30.52
C ALA D 136 24.99 -15.42 -32.07
N HIS D 137 25.73 -16.43 -32.55
CA HIS D 137 26.03 -16.67 -33.96
C HIS D 137 24.87 -17.35 -34.70
N TYR D 138 24.05 -18.11 -33.97
CA TYR D 138 22.81 -18.58 -34.54
C TYR D 138 21.92 -17.38 -34.81
N TYR D 139 21.87 -16.47 -33.84
CA TYR D 139 21.09 -15.25 -33.96
C TYR D 139 21.58 -14.42 -35.15
N LYS D 140 22.89 -14.19 -35.20
CA LYS D 140 23.47 -13.37 -36.25
C LYS D 140 23.20 -13.98 -37.63
N ASN D 141 23.27 -15.31 -37.74
CA ASN D 141 23.06 -15.95 -39.04
C ASN D 141 21.65 -16.49 -39.32
N GLN D 142 20.65 -16.09 -38.53
CA GLN D 142 19.30 -16.55 -38.81
C GLN D 142 18.59 -15.52 -39.70
N PRO D 143 17.76 -16.02 -40.64
CA PRO D 143 17.05 -15.12 -41.55
C PRO D 143 16.02 -14.23 -40.83
N THR D 144 16.02 -12.95 -41.18
CA THR D 144 15.10 -11.97 -40.59
C THR D 144 13.70 -12.16 -41.17
N ILE D 145 12.75 -12.44 -40.29
CA ILE D 145 11.36 -12.65 -40.70
C ILE D 145 10.42 -11.64 -40.07
N THR D 146 9.19 -11.62 -40.58
CA THR D 146 8.08 -10.89 -39.99
C THR D 146 7.41 -11.80 -38.97
N TRP D 147 7.54 -11.43 -37.69
CA TRP D 147 6.92 -12.18 -36.59
C TRP D 147 5.39 -12.19 -36.70
N PRO D 148 4.80 -13.40 -36.81
CA PRO D 148 3.33 -13.50 -36.88
C PRO D 148 2.68 -12.93 -35.60
N GLU D 149 1.42 -12.53 -35.72
CA GLU D 149 0.67 -11.92 -34.59
C GLU D 149 0.53 -12.77 -33.33
N GLN D 150 0.84 -14.07 -33.44
CA GLN D 150 0.86 -14.96 -32.28
C GLN D 150 1.92 -14.55 -31.25
N LEU D 151 3.04 -13.98 -31.72
CA LEU D 151 4.16 -13.61 -30.85
C LEU D 151 3.75 -12.47 -29.87
N GLY D 152 3.75 -12.76 -28.57
CA GLY D 152 3.37 -11.79 -27.54
C GLY D 152 1.87 -11.56 -27.46
N HIS D 153 1.10 -12.45 -28.04
CA HIS D 153 -0.34 -12.36 -27.96
C HIS D 153 -0.87 -12.69 -26.54
N LYS D 154 -1.93 -11.96 -26.19
CA LYS D 154 -2.55 -12.04 -24.88
C LYS D 154 -3.89 -12.77 -24.99
N ILE D 155 -4.07 -13.80 -24.15
CA ILE D 155 -5.25 -14.65 -24.23
C ILE D 155 -6.49 -13.86 -23.79
N ALA D 156 -7.52 -13.85 -24.65
CA ALA D 156 -8.75 -13.12 -24.37
C ALA D 156 -9.89 -13.57 -25.27
N ILE D 157 -11.12 -13.41 -24.78
CA ILE D 157 -12.30 -13.54 -25.63
C ILE D 157 -12.66 -12.17 -26.24
N PRO D 158 -12.67 -12.07 -27.58
CA PRO D 158 -12.95 -10.80 -28.26
C PRO D 158 -14.45 -10.48 -28.30
N MET E 4 1.98 54.41 25.05
CA MET E 4 1.57 53.85 23.78
C MET E 4 1.37 52.36 23.79
N ILE E 5 0.23 51.92 23.29
CA ILE E 5 -0.02 50.50 23.10
C ILE E 5 0.60 50.06 21.75
N LYS E 6 1.82 49.54 21.78
CA LYS E 6 2.46 48.97 20.59
C LYS E 6 1.73 47.71 20.16
N GLN E 7 1.50 47.56 18.86
CA GLN E 7 0.74 46.44 18.33
C GLN E 7 1.52 45.62 17.28
N LEU E 8 1.40 44.29 17.35
CA LEU E 8 1.98 43.38 16.39
C LEU E 8 0.88 42.58 15.73
N PHE E 9 0.95 42.46 14.41
CA PHE E 9 0.01 41.62 13.66
C PHE E 9 0.47 40.16 13.74
N THR E 10 -0.50 39.27 13.99
CA THR E 10 -0.23 37.91 14.43
C THR E 10 -1.31 36.94 13.93
N HIS E 11 -0.88 35.74 13.56
CA HIS E 11 -1.79 34.65 13.33
C HIS E 11 -1.29 33.43 14.10
N THR E 12 -2.20 32.73 14.79
CA THR E 12 -1.85 31.58 15.60
C THR E 12 -2.61 30.38 15.07
N GLN E 13 -1.91 29.27 14.96
CA GLN E 13 -2.42 28.12 14.27
C GLN E 13 -1.76 26.88 14.84
N THR E 14 -2.34 25.72 14.56
CA THR E 14 -1.77 24.46 14.99
C THR E 14 -1.46 23.54 13.80
N VAL E 15 -0.32 22.91 13.84
CA VAL E 15 0.06 21.94 12.84
C VAL E 15 -0.92 20.73 12.89
N THR E 16 -1.57 20.45 11.77
CA THR E 16 -2.40 19.30 11.58
C THR E 16 -1.71 18.39 10.61
N SER E 17 -2.33 17.23 10.36
CA SER E 17 -1.77 16.24 9.46
C SER E 17 -1.75 16.67 8.03
N GLU E 18 -2.52 17.71 7.72
CA GLU E 18 -2.62 18.26 6.38
C GLU E 18 -1.31 18.99 6.02
N PHE E 19 -0.55 19.41 7.02
CA PHE E 19 0.72 20.10 6.83
C PHE E 19 1.88 19.12 6.63
N ILE E 20 1.65 17.83 6.84
CA ILE E 20 2.73 16.86 6.99
C ILE E 20 2.67 15.81 5.89
N ASP E 21 3.71 15.73 5.07
CA ASP E 21 3.81 14.74 4.01
C ASP E 21 4.74 13.61 4.39
N HIS E 22 5.90 13.94 4.95
CA HIS E 22 6.93 12.98 5.25
C HIS E 22 7.69 13.41 6.46
N ASN E 23 8.51 12.47 6.95
CA ASN E 23 9.43 12.75 8.03
C ASN E 23 8.79 13.28 9.30
N ASN E 24 7.48 13.04 9.45
CA ASN E 24 6.75 13.44 10.67
C ASN E 24 6.84 14.91 11.00
N HIS E 25 7.01 15.76 10.00
CA HIS E 25 7.03 17.17 10.22
C HIS E 25 6.45 17.94 9.07
N MET E 26 6.32 19.26 9.26
CA MET E 26 5.72 20.15 8.27
C MET E 26 6.60 20.27 7.03
N HIS E 27 6.00 19.95 5.88
CA HIS E 27 6.57 20.14 4.56
C HIS E 27 7.15 21.53 4.40
N ASP E 28 8.33 21.62 3.79
CA ASP E 28 8.99 22.92 3.60
C ASP E 28 8.14 24.01 2.90
N ALA E 29 7.47 23.65 1.81
CA ALA E 29 6.66 24.62 1.10
C ALA E 29 5.39 25.09 1.82
N ASN E 30 4.92 24.31 2.78
CA ASN E 30 3.78 24.71 3.61
C ASN E 30 4.11 25.89 4.50
N TYR E 31 5.37 26.06 4.86
CA TYR E 31 5.77 27.28 5.56
C TYR E 31 5.47 28.49 4.67
N ASN E 32 5.80 28.39 3.38
CA ASN E 32 5.61 29.46 2.45
C ASN E 32 4.15 29.76 2.23
N ILE E 33 3.32 28.72 2.18
CA ILE E 33 1.90 28.86 2.11
C ILE E 33 1.40 29.68 3.24
N ILE E 34 1.83 29.31 4.43
CA ILE E 34 1.39 29.93 5.65
C ILE E 34 1.80 31.39 5.68
N PHE E 35 3.09 31.63 5.49
CA PHE E 35 3.62 32.99 5.45
C PHE E 35 2.86 33.93 4.45
N SER E 36 2.70 33.49 3.23
CA SER E 36 1.96 34.23 2.21
C SER E 36 0.51 34.45 2.65
N ASP E 37 -0.09 33.45 3.31
CA ASP E 37 -1.43 33.64 3.87
C ASP E 37 -1.49 34.77 4.90
N VAL E 38 -0.48 34.83 5.75
CA VAL E 38 -0.41 35.86 6.76
C VAL E 38 -0.25 37.23 6.16
N VAL E 39 0.64 37.33 5.18
CA VAL E 39 0.89 38.59 4.49
C VAL E 39 -0.38 39.08 3.82
N ASN E 40 -1.09 38.19 3.14
CA ASN E 40 -2.36 38.51 2.53
C ASN E 40 -3.39 38.98 3.53
N ARG E 41 -3.49 38.29 4.66
CA ARG E 41 -4.41 38.69 5.71
C ARG E 41 -4.06 40.10 6.20
N PHE E 42 -2.78 40.39 6.32
CA PHE E 42 -2.32 41.70 6.75
C PHE E 42 -2.71 42.82 5.76
N ASN E 43 -2.45 42.57 4.47
CA ASN E 43 -2.77 43.56 3.44
C ASN E 43 -4.30 43.75 3.29
N TYR E 44 -5.06 42.67 3.45
CA TYR E 44 -6.51 42.73 3.32
C TYR E 44 -7.14 43.69 4.34
N SER E 45 -6.56 43.73 5.53
CA SER E 45 -7.11 44.53 6.61
C SER E 45 -6.34 45.84 6.81
N HIS E 46 -5.61 46.29 5.79
CA HIS E 46 -4.83 47.51 5.90
C HIS E 46 -4.92 48.39 4.65
N GLY E 47 -6.02 48.28 3.92
CA GLY E 47 -6.26 49.16 2.78
C GLY E 47 -6.38 48.47 1.45
N LEU E 48 -5.94 47.21 1.35
CA LEU E 48 -5.98 46.48 0.08
C LEU E 48 -6.70 45.14 0.21
N SER E 49 -7.94 45.20 0.69
CA SER E 49 -8.83 44.05 0.67
C SER E 49 -9.24 43.75 -0.76
N LEU E 50 -9.80 42.57 -0.95
CA LEU E 50 -10.16 42.12 -2.29
C LEU E 50 -11.11 43.10 -3.01
N LYS E 51 -12.16 43.58 -2.31
CA LYS E 51 -12.98 44.67 -2.85
C LYS E 51 -12.17 45.94 -3.08
N GLU E 52 -11.27 46.30 -2.15
CA GLU E 52 -10.51 47.55 -2.31
C GLU E 52 -9.59 47.46 -3.53
N ARG E 53 -9.08 46.26 -3.80
CA ARG E 53 -8.20 46.01 -4.95
C ARG E 53 -8.99 46.06 -6.24
N GLU E 54 -10.18 45.46 -6.25
CA GLU E 54 -11.05 45.55 -7.42
C GLU E 54 -11.41 47.01 -7.62
N ASN E 55 -11.71 47.71 -6.52
CA ASN E 55 -12.10 49.11 -6.57
C ASN E 55 -11.03 50.11 -7.04
N LEU E 56 -9.82 50.03 -6.53
CA LEU E 56 -8.80 51.00 -6.89
C LEU E 56 -8.01 50.56 -8.10
N ALA E 57 -8.46 49.49 -8.75
CA ALA E 57 -7.74 48.92 -9.89
C ALA E 57 -6.26 48.72 -9.58
N TYR E 58 -5.98 48.05 -8.46
CA TYR E 58 -4.63 47.97 -7.91
C TYR E 58 -4.41 46.60 -7.25
N THR E 59 -3.15 46.14 -7.22
CA THR E 59 -2.80 44.90 -6.50
C THR E 59 -1.32 44.84 -6.12
N LEU E 60 -0.96 43.85 -5.31
CA LEU E 60 0.43 43.64 -4.89
C LEU E 60 0.99 42.37 -5.48
N PHE E 61 2.25 42.43 -5.91
CA PHE E 61 2.97 41.26 -6.37
C PHE E 61 4.12 40.95 -5.44
N THR E 62 4.28 39.65 -5.14
CA THR E 62 5.47 39.19 -4.44
C THR E 62 6.64 39.16 -5.43
N LEU E 63 7.75 39.82 -5.10
CA LEU E 63 8.92 39.86 -5.99
C LEU E 63 10.00 38.87 -5.62
N GLU E 64 10.23 38.76 -4.31
CA GLU E 64 11.31 37.96 -3.82
C GLU E 64 11.03 37.52 -2.39
N GLU E 65 11.52 36.34 -2.00
CA GLU E 65 11.39 35.93 -0.60
C GLU E 65 12.50 35.01 -0.17
N HIS E 66 12.83 35.07 1.11
CA HIS E 66 13.84 34.20 1.69
C HIS E 66 13.28 33.53 2.98
N THR E 67 13.28 32.18 3.01
CA THR E 67 12.79 31.44 4.16
C THR E 67 13.88 30.62 4.81
N THR E 68 13.93 30.63 6.14
CA THR E 68 14.87 29.76 6.88
C THR E 68 14.09 28.83 7.78
N TYR E 69 14.61 27.61 7.88
CA TYR E 69 14.04 26.56 8.66
C TYR E 69 15.01 26.11 9.78
N LEU E 70 14.81 26.65 10.95
CA LEU E 70 15.71 26.49 12.09
C LEU E 70 15.36 25.34 13.03
N SER E 71 14.06 25.00 13.13
CA SER E 71 13.58 23.94 14.04
C SER E 71 12.27 23.38 13.51
N GLU E 72 12.15 22.06 13.49
CA GLU E 72 11.03 21.42 12.84
C GLU E 72 9.73 21.54 13.61
N LEU E 73 8.62 21.64 12.88
CA LEU E 73 7.30 21.68 13.46
C LEU E 73 6.61 20.33 13.28
N SER E 74 6.12 19.79 14.37
CA SER E 74 5.52 18.47 14.41
C SER E 74 4.04 18.58 14.70
N LEU E 75 3.34 17.46 14.64
CA LEU E 75 1.88 17.45 14.75
C LEU E 75 1.44 17.91 16.10
N GLY E 76 0.52 18.86 16.14
CA GLY E 76 0.03 19.43 17.39
C GLY E 76 0.79 20.66 17.86
N ASP E 77 1.96 20.94 17.29
CA ASP E 77 2.66 22.17 17.63
C ASP E 77 1.79 23.37 17.32
N VAL E 78 1.68 24.26 18.29
CA VAL E 78 0.95 25.48 18.15
C VAL E 78 1.97 26.58 17.92
N PHE E 79 1.88 27.21 16.76
CA PHE E 79 2.83 28.24 16.44
C PHE E 79 2.15 29.58 16.21
N THR E 80 2.97 30.62 16.31
CA THR E 80 2.57 31.99 16.03
C THR E 80 3.41 32.62 14.90
N VAL E 81 2.74 33.08 13.86
CA VAL E 81 3.39 33.88 12.81
C VAL E 81 3.24 35.35 13.16
N THR E 82 4.39 36.01 13.34
CA THR E 82 4.42 37.44 13.68
C THR E 82 4.95 38.28 12.52
N LEU E 83 4.17 39.29 12.10
CA LEU E 83 4.57 40.18 11.01
C LEU E 83 5.22 41.50 11.44
N TYR E 84 6.44 41.74 10.97
CA TYR E 84 7.13 43.01 11.08
C TYR E 84 7.30 43.68 9.72
N ILE E 85 7.27 45.02 9.70
CA ILE E 85 7.73 45.79 8.55
C ILE E 85 9.17 46.22 8.78
N TYR E 86 10.07 45.82 7.91
CA TYR E 86 11.47 46.19 8.04
C TYR E 86 11.79 47.50 7.31
N ASP E 87 11.07 47.75 6.22
CA ASP E 87 11.30 48.88 5.37
C ASP E 87 10.19 49.01 4.33
N TYR E 88 10.00 50.23 3.82
CA TYR E 88 9.05 50.48 2.73
C TYR E 88 9.38 51.74 1.98
N ASP E 89 8.82 51.90 0.78
CA ASP E 89 8.83 53.21 0.09
C ASP E 89 7.48 53.47 -0.58
N TYR E 90 7.44 54.30 -1.61
CA TYR E 90 6.19 54.68 -2.26
C TYR E 90 5.43 53.53 -2.91
N LYS E 91 6.15 52.48 -3.32
CA LYS E 91 5.50 51.31 -3.93
C LYS E 91 6.09 49.96 -3.53
N ARG E 92 7.00 49.92 -2.57
CA ARG E 92 7.55 48.66 -2.11
C ARG E 92 7.34 48.41 -0.63
N LEU E 93 7.27 47.13 -0.28
CA LEU E 93 7.09 46.70 1.11
C LEU E 93 8.10 45.57 1.45
N HIS E 94 9.02 45.84 2.35
CA HIS E 94 10.03 44.89 2.76
C HIS E 94 9.66 44.34 4.15
N LEU E 95 9.10 43.13 4.17
CA LEU E 95 8.58 42.52 5.38
C LEU E 95 9.53 41.50 5.99
N PHE E 96 9.45 41.36 7.32
CA PHE E 96 10.09 40.26 8.02
C PHE E 96 9.14 39.55 8.97
N LEU E 97 8.92 38.26 8.75
CA LEU E 97 8.04 37.47 9.62
C LEU E 97 8.80 36.44 10.43
N THR E 98 8.41 36.27 11.69
CA THR E 98 8.93 35.17 12.53
C THR E 98 7.84 34.09 12.69
N LEU E 99 8.28 32.85 12.89
CA LEU E 99 7.38 31.76 13.20
C LEU E 99 7.97 31.06 14.44
N THR E 100 7.23 31.21 15.54
CA THR E 100 7.67 30.76 16.85
C THR E 100 6.77 29.65 17.40
N LYS E 101 7.40 28.69 18.06
CA LYS E 101 6.65 27.63 18.74
C LYS E 101 5.97 28.25 19.95
N GLU E 102 5.12 27.49 20.62
CA GLU E 102 4.43 28.02 21.81
C GLU E 102 5.41 28.35 22.93
N ASP E 103 6.50 27.62 23.08
CA ASP E 103 7.48 27.93 24.11
C ASP E 103 8.43 29.08 23.72
N GLY E 104 8.26 29.65 22.53
CA GLY E 104 9.04 30.81 22.10
C GLY E 104 10.14 30.55 21.07
N THR E 105 10.72 29.34 21.07
CA THR E 105 11.68 28.90 20.06
C THR E 105 11.36 29.38 18.64
N LEU E 106 12.34 30.09 18.08
CA LEU E 106 12.31 30.51 16.68
C LEU E 106 12.35 29.27 15.78
N ALA E 107 11.26 29.00 15.08
CA ALA E 107 11.21 27.81 14.27
C ALA E 107 11.52 28.14 12.79
N SER E 108 11.05 29.30 12.31
CA SER E 108 11.23 29.68 10.95
C SER E 108 11.22 31.18 10.75
N THR E 109 11.82 31.67 9.65
CA THR E 109 11.81 33.11 9.33
C THR E 109 11.52 33.36 7.88
N ASN E 110 10.85 34.49 7.58
CA ASN E 110 10.57 34.89 6.22
C ASN E 110 10.89 36.36 6.00
N GLU E 111 11.64 36.70 4.96
CA GLU E 111 11.65 38.08 4.53
C GLU E 111 11.20 38.14 3.14
N VAL E 112 10.36 39.15 2.87
CA VAL E 112 9.70 39.23 1.60
C VAL E 112 9.69 40.65 1.07
N MET E 113 10.01 40.79 -0.22
CA MET E 113 9.86 42.06 -0.94
C MET E 113 8.61 42.03 -1.78
N MET E 114 7.66 42.92 -1.47
CA MET E 114 6.46 43.12 -2.31
C MET E 114 6.43 44.49 -2.97
N MET E 115 5.59 44.64 -4.00
CA MET E 115 5.54 45.87 -4.78
C MET E 115 4.15 46.11 -5.38
N GLY E 116 3.72 47.38 -5.38
CA GLY E 116 2.40 47.74 -5.85
C GLY E 116 2.28 47.72 -7.36
N ILE E 117 1.12 47.28 -7.86
CA ILE E 117 0.89 47.20 -9.30
C ILE E 117 -0.42 47.85 -9.73
N ASN E 118 -0.35 48.88 -10.56
CA ASN E 118 -1.52 49.46 -11.23
C ASN E 118 -2.12 48.48 -12.22
N GLN E 119 -3.34 48.02 -12.00
CA GLN E 119 -3.91 46.97 -12.86
C GLN E 119 -4.31 47.49 -14.26
N HIS E 120 -4.41 48.81 -14.41
CA HIS E 120 -4.70 49.49 -15.70
C HIS E 120 -3.49 49.44 -16.68
N THR E 121 -2.28 49.27 -16.16
CA THR E 121 -1.08 49.06 -16.98
C THR E 121 -0.36 47.75 -16.66
N ARG E 122 -0.60 47.22 -15.46
CA ARG E 122 0.15 46.07 -14.92
C ARG E 122 1.64 46.35 -14.78
N ARG E 123 1.99 47.63 -14.64
CA ARG E 123 3.35 48.02 -14.30
C ARG E 123 3.32 48.54 -12.86
N SER E 124 4.52 48.73 -12.31
CA SER E 124 4.64 49.14 -10.92
C SER E 124 4.20 50.56 -10.75
N ASP E 125 3.52 50.83 -9.64
CA ASP E 125 2.94 52.15 -9.36
C ASP E 125 2.83 52.37 -7.84
N ALA E 126 2.77 53.65 -7.44
CA ALA E 126 2.77 54.04 -6.03
C ALA E 126 1.57 53.48 -5.25
N PHE E 127 1.79 53.21 -3.95
CA PHE E 127 0.70 52.74 -3.08
C PHE E 127 -0.43 53.76 -2.97
N PRO E 128 -1.70 53.31 -2.97
CA PRO E 128 -2.83 54.23 -2.70
C PRO E 128 -2.75 54.80 -1.32
N GLU E 129 -3.30 56.01 -1.15
CA GLU E 129 -3.11 56.81 0.05
C GLU E 129 -3.45 56.06 1.33
N SER E 130 -4.62 55.46 1.35
CA SER E 130 -5.12 54.74 2.50
C SER E 130 -4.15 53.66 2.98
N PHE E 131 -3.72 52.84 2.03
CA PHE E 131 -2.79 51.75 2.28
C PHE E 131 -1.41 52.24 2.79
N SER E 132 -0.85 53.25 2.14
CA SER E 132 0.41 53.88 2.59
C SER E 132 0.29 54.46 3.98
N THR E 133 -0.89 55.03 4.25
CA THR E 133 -1.21 55.60 5.56
C THR E 133 -1.15 54.53 6.64
N GLN E 134 -1.87 53.44 6.40
CA GLN E 134 -1.90 52.32 7.34
C GLN E 134 -0.54 51.62 7.51
N ILE E 135 0.23 51.53 6.41
CA ILE E 135 1.57 50.92 6.46
C ILE E 135 2.50 51.77 7.33
N ALA E 136 2.44 53.08 7.09
CA ALA E 136 3.20 54.06 7.87
C ALA E 136 2.85 53.94 9.37
N HIS E 137 1.55 53.84 9.62
CA HIS E 137 1.00 53.71 10.97
C HIS E 137 1.53 52.44 11.63
N TYR E 138 1.40 51.29 10.95
CA TYR E 138 1.81 50.02 11.50
C TYR E 138 3.30 50.02 11.81
N TYR E 139 4.11 50.47 10.88
CA TYR E 139 5.56 50.57 11.09
C TYR E 139 5.85 51.41 12.30
N LYS E 140 5.21 52.57 12.36
CA LYS E 140 5.34 53.53 13.46
C LYS E 140 5.06 52.90 14.83
N ASN E 141 3.99 52.14 14.93
CA ASN E 141 3.54 51.58 16.19
C ASN E 141 3.93 50.11 16.45
N GLN E 142 4.78 49.55 15.60
CA GLN E 142 5.30 48.19 15.84
C GLN E 142 6.53 48.29 16.78
N PRO E 143 6.64 47.36 17.73
CA PRO E 143 7.73 47.38 18.71
C PRO E 143 9.08 47.10 18.09
N THR E 144 10.10 47.80 18.60
CA THR E 144 11.47 47.65 18.12
C THR E 144 12.07 46.34 18.57
N ILE E 145 12.66 45.62 17.63
CA ILE E 145 13.38 44.39 17.94
C ILE E 145 14.80 44.41 17.39
N THR E 146 15.55 43.41 17.82
CA THR E 146 16.84 43.05 17.26
C THR E 146 16.63 42.01 16.17
N TRP E 147 16.99 42.38 14.94
CA TRP E 147 16.81 41.52 13.79
C TRP E 147 17.73 40.31 13.91
N PRO E 148 17.15 39.10 13.97
CA PRO E 148 17.97 37.87 14.06
C PRO E 148 18.90 37.75 12.87
N GLU E 149 20.00 37.02 13.05
CA GLU E 149 21.02 36.88 11.99
C GLU E 149 20.51 36.30 10.66
N GLN E 150 19.28 35.76 10.65
CA GLN E 150 18.67 35.23 9.45
C GLN E 150 18.36 36.31 8.43
N LEU E 151 18.07 37.52 8.92
CA LEU E 151 17.72 38.65 8.04
C LEU E 151 18.96 39.01 7.21
N GLY E 152 18.78 38.95 5.90
CA GLY E 152 19.84 39.23 4.95
C GLY E 152 20.88 38.15 4.78
N HIS E 153 20.72 36.99 5.43
CA HIS E 153 21.72 35.92 5.37
C HIS E 153 21.80 35.33 3.98
N LYS E 154 23.01 35.07 3.51
CA LYS E 154 23.27 34.53 2.18
C LYS E 154 23.43 33.01 2.26
N ILE E 155 22.75 32.28 1.36
CA ILE E 155 22.86 30.82 1.38
C ILE E 155 24.27 30.36 1.01
N ALA E 156 24.85 29.49 1.83
CA ALA E 156 26.21 28.99 1.55
C ALA E 156 26.51 27.80 2.41
N ILE E 157 27.29 26.90 1.86
CA ILE E 157 27.82 25.79 2.61
C ILE E 157 29.00 26.34 3.43
N PRO E 158 29.00 26.12 4.73
CA PRO E 158 30.06 26.67 5.63
C PRO E 158 31.41 25.93 5.51
N SER F 1 40.31 18.23 -28.77
CA SER F 1 39.89 17.38 -27.67
C SER F 1 38.70 16.55 -28.08
N ASN F 2 37.70 16.47 -27.23
CA ASN F 2 36.51 15.74 -27.56
C ASN F 2 35.42 16.58 -26.98
N ALA F 3 34.28 16.55 -27.61
CA ALA F 3 33.18 17.32 -27.19
C ALA F 3 32.41 16.50 -26.22
N MET F 4 31.66 17.17 -25.37
CA MET F 4 30.84 16.47 -24.43
C MET F 4 29.40 16.86 -24.44
N ILE F 5 28.62 15.91 -24.05
CA ILE F 5 27.19 16.11 -23.88
C ILE F 5 26.92 16.60 -22.47
N LYS F 6 26.44 17.82 -22.34
CA LYS F 6 25.99 18.34 -21.07
C LYS F 6 24.56 17.84 -20.80
N GLN F 7 24.25 17.62 -19.53
CA GLN F 7 22.89 17.16 -19.16
C GLN F 7 22.26 18.01 -18.09
N LEU F 8 20.97 18.28 -18.26
CA LEU F 8 20.16 19.07 -17.36
C LEU F 8 18.93 18.27 -16.93
N PHE F 9 18.75 18.18 -15.61
CA PHE F 9 17.55 17.57 -15.09
C PHE F 9 16.39 18.58 -15.10
N THR F 10 15.26 18.15 -15.63
CA THR F 10 14.20 19.05 -16.05
C THR F 10 12.80 18.49 -15.75
N HIS F 11 11.86 19.41 -15.46
CA HIS F 11 10.48 18.99 -15.29
C HIS F 11 9.51 20.01 -15.81
N THR F 12 8.63 19.52 -16.67
CA THR F 12 7.73 20.36 -17.42
C THR F 12 6.30 20.15 -17.00
N GLN F 13 5.63 21.28 -16.77
CA GLN F 13 4.34 21.25 -16.10
C GLN F 13 3.46 22.31 -16.64
N THR F 14 2.16 22.10 -16.51
CA THR F 14 1.19 23.08 -16.97
C THR F 14 0.40 23.63 -15.80
N VAL F 15 0.24 24.96 -15.79
CA VAL F 15 -0.49 25.66 -14.74
C VAL F 15 -1.99 25.23 -14.75
N THR F 16 -2.50 24.73 -13.63
CA THR F 16 -3.91 24.43 -13.46
C THR F 16 -4.66 25.48 -12.61
N SER F 17 -5.98 25.33 -12.56
CA SER F 17 -6.86 26.23 -11.81
C SER F 17 -6.56 26.23 -10.33
N GLU F 18 -6.19 25.06 -9.80
CA GLU F 18 -5.85 24.92 -8.38
C GLU F 18 -4.63 25.78 -8.00
N PHE F 19 -3.84 26.19 -8.99
CA PHE F 19 -2.70 27.04 -8.76
C PHE F 19 -2.97 28.54 -8.83
N ILE F 20 -4.05 28.92 -9.52
CA ILE F 20 -4.46 30.36 -9.56
C ILE F 20 -5.45 30.65 -8.45
N ASP F 21 -5.11 31.60 -7.58
CA ASP F 21 -6.03 32.11 -6.58
C ASP F 21 -6.64 33.44 -7.01
N HIS F 22 -5.80 34.37 -7.45
CA HIS F 22 -6.26 35.73 -7.79
C HIS F 22 -5.70 36.25 -9.13
N ASN F 23 -6.56 36.97 -9.86
CA ASN F 23 -6.18 37.69 -11.08
C ASN F 23 -5.49 36.84 -12.16
N ASN F 24 -5.94 35.60 -12.31
CA ASN F 24 -5.38 34.66 -13.27
C ASN F 24 -3.85 34.58 -13.29
N HIS F 25 -3.25 34.53 -12.12
CA HIS F 25 -1.81 34.34 -12.05
C HIS F 25 -1.51 33.34 -10.96
N MET F 26 -0.37 32.69 -11.06
CA MET F 26 -0.01 31.67 -10.09
C MET F 26 0.29 32.33 -8.74
N HIS F 27 -0.33 31.81 -7.69
CA HIS F 27 -0.06 32.29 -6.34
C HIS F 27 1.44 32.07 -6.01
N ASP F 28 2.03 32.94 -5.23
CA ASP F 28 3.46 32.88 -4.98
C ASP F 28 3.96 31.57 -4.31
N ALA F 29 3.22 31.05 -3.33
CA ALA F 29 3.63 29.87 -2.57
C ALA F 29 3.60 28.60 -3.40
N ASN F 30 2.79 28.63 -4.45
CA ASN F 30 2.71 27.51 -5.37
C ASN F 30 3.97 27.31 -6.18
N TYR F 31 4.68 28.39 -6.44
CA TYR F 31 6.00 28.28 -7.04
C TYR F 31 6.88 27.42 -6.14
N ASN F 32 6.78 27.65 -4.83
CA ASN F 32 7.54 26.90 -3.84
C ASN F 32 7.14 25.46 -3.75
N ILE F 33 5.87 25.18 -3.93
CA ILE F 33 5.39 23.82 -3.95
C ILE F 33 6.01 23.09 -5.09
N ILE F 34 5.97 23.75 -6.24
CA ILE F 34 6.52 23.19 -7.47
C ILE F 34 8.00 22.96 -7.35
N PHE F 35 8.69 23.96 -6.86
CA PHE F 35 10.14 23.85 -6.70
C PHE F 35 10.56 22.72 -5.78
N SER F 36 9.87 22.61 -4.66
CA SER F 36 10.09 21.52 -3.71
C SER F 36 9.91 20.17 -4.32
N ASP F 37 8.84 20.04 -5.11
CA ASP F 37 8.54 18.77 -5.75
C ASP F 37 9.61 18.38 -6.77
N VAL F 38 10.08 19.34 -7.51
CA VAL F 38 11.13 19.09 -8.47
C VAL F 38 12.47 18.66 -7.80
N VAL F 39 12.84 19.37 -6.73
CA VAL F 39 13.99 18.98 -5.93
C VAL F 39 13.85 17.53 -5.48
N ASN F 40 12.66 17.20 -5.03
CA ASN F 40 12.37 15.85 -4.62
C ASN F 40 12.51 14.82 -5.71
N ARG F 41 12.05 15.17 -6.91
CA ARG F 41 12.16 14.25 -8.05
C ARG F 41 13.60 13.98 -8.41
N PHE F 42 14.42 15.00 -8.40
CA PHE F 42 15.86 14.87 -8.59
C PHE F 42 16.48 13.96 -7.55
N ASN F 43 16.21 14.22 -6.26
CA ASN F 43 16.81 13.42 -5.18
C ASN F 43 16.32 11.99 -5.22
N TYR F 44 15.04 11.80 -5.54
CA TYR F 44 14.50 10.47 -5.68
C TYR F 44 15.18 9.72 -6.77
N SER F 45 15.45 10.37 -7.89
CA SER F 45 16.09 9.64 -9.00
C SER F 45 17.65 9.57 -8.91
N HIS F 46 18.24 10.16 -7.88
CA HIS F 46 19.73 10.19 -7.79
C HIS F 46 20.31 9.59 -6.54
N GLY F 47 19.58 8.67 -5.92
CA GLY F 47 20.09 7.86 -4.83
C GLY F 47 19.33 8.00 -3.52
N LEU F 48 18.34 8.88 -3.46
CA LEU F 48 17.54 9.00 -2.26
C LEU F 48 16.04 9.05 -2.52
N SER F 49 15.54 7.99 -3.14
CA SER F 49 14.14 7.76 -3.24
C SER F 49 13.50 7.55 -1.88
N LEU F 50 12.17 7.75 -1.82
CA LEU F 50 11.40 7.42 -0.60
C LEU F 50 11.74 6.02 -0.04
N LYS F 51 11.83 5.05 -0.94
CA LYS F 51 12.11 3.67 -0.53
C LYS F 51 13.51 3.51 0.09
N GLU F 52 14.52 4.09 -0.55
CA GLU F 52 15.91 4.10 -0.06
C GLU F 52 16.00 4.83 1.27
N ARG F 53 15.27 5.94 1.40
CA ARG F 53 15.26 6.70 2.65
C ARG F 53 14.71 5.87 3.80
N GLU F 54 13.65 5.14 3.53
CA GLU F 54 13.06 4.23 4.48
C GLU F 54 14.05 3.14 4.85
N ASN F 55 14.72 2.58 3.87
CA ASN F 55 15.68 1.52 4.12
C ASN F 55 16.85 1.97 4.97
N LEU F 56 17.33 3.18 4.74
CA LEU F 56 18.47 3.69 5.47
C LEU F 56 18.18 4.47 6.73
N ALA F 57 16.91 4.71 7.01
CA ALA F 57 16.48 5.66 8.09
C ALA F 57 17.24 6.99 7.96
N TYR F 58 17.26 7.50 6.75
CA TYR F 58 18.01 8.69 6.40
C TYR F 58 17.17 9.56 5.49
N THR F 59 17.23 10.88 5.68
CA THR F 59 16.47 11.76 4.85
C THR F 59 17.17 13.10 4.61
N LEU F 60 16.53 14.03 3.88
CA LEU F 60 17.07 15.34 3.63
C LEU F 60 16.14 16.41 4.16
N PHE F 61 16.65 17.42 4.85
CA PHE F 61 15.87 18.54 5.28
C PHE F 61 16.27 19.79 4.50
N THR F 62 15.31 20.67 4.21
CA THR F 62 15.56 22.00 3.70
C THR F 62 15.90 22.91 4.86
N LEU F 63 17.06 23.56 4.75
CA LEU F 63 17.50 24.50 5.78
C LEU F 63 17.14 25.91 5.43
N GLU F 64 17.20 26.25 4.15
CA GLU F 64 17.13 27.65 3.74
C GLU F 64 16.81 27.74 2.29
N GLU F 65 16.02 28.74 1.93
CA GLU F 65 15.73 28.97 0.51
C GLU F 65 15.42 30.41 0.16
N HIS F 66 15.59 30.72 -1.12
CA HIS F 66 15.42 32.07 -1.64
C HIS F 66 14.71 32.01 -2.99
N THR F 67 13.51 32.58 -3.09
CA THR F 67 12.72 32.56 -4.32
C THR F 67 12.57 33.95 -4.89
N THR F 68 12.63 34.06 -6.22
CA THR F 68 12.35 35.33 -6.90
C THR F 68 11.32 35.05 -7.94
N TYR F 69 10.43 36.02 -8.08
CA TYR F 69 9.33 35.97 -9.05
C TYR F 69 9.54 37.08 -10.09
N LEU F 70 9.78 36.66 -11.32
CA LEU F 70 10.19 37.60 -12.38
C LEU F 70 9.12 37.87 -13.44
N SER F 71 8.19 36.96 -13.63
CA SER F 71 7.12 37.15 -14.61
C SER F 71 5.94 36.23 -14.28
N GLU F 72 4.73 36.78 -14.32
CA GLU F 72 3.57 36.05 -13.80
C GLU F 72 3.15 34.93 -14.73
N LEU F 73 2.65 33.85 -14.16
CA LEU F 73 2.23 32.68 -14.92
C LEU F 73 0.69 32.58 -14.94
N SER F 74 0.11 32.24 -16.09
CA SER F 74 -1.35 32.24 -16.26
C SER F 74 -1.86 30.86 -16.53
N LEU F 75 -3.19 30.73 -16.50
CA LEU F 75 -3.84 29.45 -16.68
C LEU F 75 -3.45 28.82 -18.03
N GLY F 76 -3.14 27.53 -18.02
CA GLY F 76 -2.81 26.84 -19.26
C GLY F 76 -1.38 26.99 -19.73
N ASP F 77 -0.63 27.94 -19.13
CA ASP F 77 0.81 28.11 -19.40
C ASP F 77 1.56 26.83 -19.10
N VAL F 78 2.49 26.52 -19.99
CA VAL F 78 3.40 25.40 -19.82
C VAL F 78 4.78 25.94 -19.47
N PHE F 79 5.36 25.41 -18.41
CA PHE F 79 6.68 25.89 -17.91
C PHE F 79 7.61 24.73 -17.66
N THR F 80 8.90 25.05 -17.67
CA THR F 80 9.95 24.08 -17.40
C THR F 80 10.78 24.54 -16.21
N VAL F 81 10.92 23.65 -15.23
CA VAL F 81 11.85 23.87 -14.12
C VAL F 81 13.13 23.13 -14.47
N THR F 82 14.27 23.81 -14.30
CA THR F 82 15.60 23.23 -14.58
C THR F 82 16.45 23.28 -13.31
N LEU F 83 17.09 22.15 -12.98
CA LEU F 83 17.92 22.05 -11.79
C LEU F 83 19.40 22.11 -12.05
N TYR F 84 20.06 22.96 -11.29
CA TYR F 84 21.53 23.05 -11.30
C TYR F 84 22.05 22.79 -9.87
N ILE F 85 23.17 22.10 -9.77
CA ILE F 85 23.89 21.99 -8.54
C ILE F 85 24.92 23.12 -8.50
N TYR F 86 24.74 24.04 -7.56
CA TYR F 86 25.65 25.14 -7.38
C TYR F 86 26.87 24.70 -6.55
N ASP F 87 26.63 23.86 -5.56
CA ASP F 87 27.66 23.42 -4.63
C ASP F 87 27.15 22.26 -3.81
N TYR F 88 28.05 21.49 -3.28
CA TYR F 88 27.75 20.36 -2.42
C TYR F 88 28.97 19.95 -1.57
N ASP F 89 28.72 19.29 -0.44
CA ASP F 89 29.78 18.67 0.34
C ASP F 89 29.31 17.31 0.81
N TYR F 90 29.91 16.76 1.87
CA TYR F 90 29.66 15.36 2.29
C TYR F 90 28.24 15.15 2.85
N LYS F 91 27.56 16.21 3.25
CA LYS F 91 26.19 16.11 3.73
C LYS F 91 25.27 17.27 3.35
N ARG F 92 25.70 18.17 2.47
CA ARG F 92 24.87 19.28 2.04
C ARG F 92 24.78 19.40 0.55
N LEU F 93 23.67 19.95 0.10
CA LEU F 93 23.39 20.16 -1.33
C LEU F 93 22.85 21.58 -1.52
N HIS F 94 23.59 22.41 -2.24
CA HIS F 94 23.20 23.77 -2.60
C HIS F 94 22.74 23.83 -4.08
N LEU F 95 21.45 23.98 -4.31
CA LEU F 95 20.82 23.92 -5.58
C LEU F 95 20.33 25.28 -6.04
N PHE F 96 20.35 25.46 -7.36
CA PHE F 96 19.78 26.65 -8.00
C PHE F 96 18.87 26.18 -9.14
N LEU F 97 17.62 26.64 -9.14
CA LEU F 97 16.63 26.20 -10.11
C LEU F 97 16.04 27.35 -10.86
N THR F 98 15.86 27.18 -12.17
CA THR F 98 15.19 28.18 -12.99
C THR F 98 13.81 27.69 -13.37
N LEU F 99 12.84 28.59 -13.40
CA LEU F 99 11.52 28.26 -13.97
C LEU F 99 11.27 29.18 -15.17
N THR F 100 11.21 28.56 -16.34
CA THR F 100 11.12 29.30 -17.59
C THR F 100 9.85 28.97 -18.37
N LYS F 101 9.28 29.99 -19.03
CA LYS F 101 8.13 29.75 -19.92
C LYS F 101 8.52 29.00 -21.18
N GLU F 102 7.52 28.58 -21.95
CA GLU F 102 7.76 27.92 -23.25
C GLU F 102 8.53 28.72 -24.29
N ASP F 103 8.77 30.01 -24.03
CA ASP F 103 9.52 30.88 -24.92
C ASP F 103 10.98 31.03 -24.46
N GLY F 104 11.32 30.57 -23.25
CA GLY F 104 12.65 30.78 -22.68
C GLY F 104 12.75 31.95 -21.72
N THR F 105 11.61 32.60 -21.47
CA THR F 105 11.54 33.70 -20.52
C THR F 105 11.72 33.20 -19.08
N LEU F 106 12.66 33.79 -18.36
CA LEU F 106 12.84 33.51 -16.94
C LEU F 106 11.62 34.02 -16.14
N ALA F 107 10.83 33.09 -15.63
CA ALA F 107 9.67 33.41 -14.84
C ALA F 107 9.95 33.44 -13.32
N SER F 108 10.74 32.46 -12.82
CA SER F 108 11.12 32.45 -11.42
C SER F 108 12.47 31.78 -11.20
N THR F 109 13.11 32.05 -10.06
CA THR F 109 14.26 31.26 -9.61
C THR F 109 14.14 30.83 -8.14
N ASN F 110 14.77 29.72 -7.82
CA ASN F 110 14.80 29.18 -6.48
C ASN F 110 16.21 28.74 -6.10
N GLU F 111 16.72 29.21 -4.99
CA GLU F 111 17.99 28.75 -4.45
C GLU F 111 17.74 28.03 -3.12
N VAL F 112 18.31 26.83 -2.93
CA VAL F 112 17.96 26.02 -1.81
C VAL F 112 19.11 25.22 -1.23
N MET F 113 19.19 25.21 0.10
CA MET F 113 20.14 24.44 0.86
C MET F 113 19.46 23.28 1.52
N MET F 114 19.98 22.11 1.31
CA MET F 114 19.48 20.91 1.97
C MET F 114 20.61 20.16 2.67
N MET F 115 20.25 19.39 3.68
CA MET F 115 21.22 18.62 4.42
C MET F 115 20.70 17.27 4.81
N GLY F 116 21.56 16.28 4.76
CA GLY F 116 21.22 14.93 5.13
C GLY F 116 21.08 14.75 6.63
N ILE F 117 20.17 13.86 7.02
CA ILE F 117 19.80 13.70 8.41
C ILE F 117 19.72 12.21 8.77
N ASN F 118 20.45 11.82 9.81
CA ASN F 118 20.35 10.50 10.42
C ASN F 118 19.09 10.51 11.29
N GLN F 119 18.15 9.66 10.96
CA GLN F 119 16.85 9.66 11.67
C GLN F 119 16.91 8.94 13.03
N HIS F 120 18.00 8.19 13.29
CA HIS F 120 18.22 7.55 14.56
C HIS F 120 18.84 8.55 15.54
N THR F 121 19.83 9.36 15.13
CA THR F 121 20.38 10.41 16.00
C THR F 121 19.59 11.67 15.91
N ARG F 122 18.83 11.82 14.84
CA ARG F 122 18.07 13.06 14.58
C ARG F 122 18.99 14.24 14.34
N ARG F 123 20.23 13.95 13.97
CA ARG F 123 21.23 14.95 13.72
C ARG F 123 21.68 14.78 12.25
N SER F 124 22.42 15.76 11.76
CA SER F 124 23.02 15.70 10.45
C SER F 124 24.06 14.58 10.36
N ASP F 125 24.25 14.04 9.15
CA ASP F 125 25.18 12.94 8.93
C ASP F 125 25.49 12.82 7.44
N ALA F 126 26.61 12.18 7.14
CA ALA F 126 27.11 12.08 5.79
C ALA F 126 26.16 11.41 4.82
N PHE F 127 26.15 11.88 3.56
CA PHE F 127 25.36 11.25 2.49
C PHE F 127 25.83 9.83 2.31
N PRO F 128 24.92 8.91 1.97
CA PRO F 128 25.39 7.58 1.58
C PRO F 128 26.16 7.70 0.24
N GLU F 129 27.16 6.83 0.03
CA GLU F 129 28.06 6.94 -1.15
C GLU F 129 27.34 6.95 -2.51
N SER F 130 26.27 6.18 -2.63
CA SER F 130 25.51 6.15 -3.88
C SER F 130 25.00 7.55 -4.27
N PHE F 131 24.38 8.23 -3.31
CA PHE F 131 23.93 9.62 -3.48
C PHE F 131 25.02 10.58 -3.85
N SER F 132 26.10 10.52 -3.12
CA SER F 132 27.25 11.41 -3.34
C SER F 132 27.85 11.24 -4.72
N THR F 133 28.01 9.98 -5.13
CA THR F 133 28.55 9.66 -6.44
C THR F 133 27.69 10.22 -7.55
N GLN F 134 26.37 9.98 -7.47
CA GLN F 134 25.46 10.48 -8.47
C GLN F 134 25.37 12.02 -8.51
N ILE F 135 25.36 12.64 -7.35
CA ILE F 135 25.40 14.10 -7.28
C ILE F 135 26.68 14.71 -7.89
N ALA F 136 27.81 14.08 -7.61
CA ALA F 136 29.08 14.54 -8.18
C ALA F 136 29.06 14.42 -9.73
N HIS F 137 28.58 13.29 -10.21
CA HIS F 137 28.46 13.06 -11.62
C HIS F 137 27.54 14.11 -12.30
N TYR F 138 26.40 14.42 -11.67
CA TYR F 138 25.48 15.38 -12.24
C TYR F 138 26.13 16.74 -12.32
N TYR F 139 26.75 17.17 -11.22
CA TYR F 139 27.51 18.42 -11.17
C TYR F 139 28.54 18.49 -12.28
N LYS F 140 29.24 17.42 -12.52
CA LYS F 140 30.33 17.37 -13.46
C LYS F 140 29.80 17.44 -14.88
N ASN F 141 28.61 16.88 -15.11
CA ASN F 141 28.05 16.79 -16.46
C ASN F 141 27.12 17.91 -16.82
N GLN F 142 26.85 18.84 -15.90
CA GLN F 142 25.89 19.91 -16.17
C GLN F 142 26.53 21.02 -16.98
N PRO F 143 25.71 21.78 -17.74
CA PRO F 143 26.26 22.88 -18.49
C PRO F 143 26.89 23.97 -17.63
N THR F 144 27.96 24.59 -18.13
CA THR F 144 28.56 25.71 -17.45
C THR F 144 27.70 26.89 -17.78
N ILE F 145 27.32 27.65 -16.76
CA ILE F 145 26.55 28.88 -17.00
C ILE F 145 27.05 30.03 -16.13
N THR F 146 26.60 31.22 -16.54
CA THR F 146 26.78 32.44 -15.79
C THR F 146 25.67 32.52 -14.78
N TRP F 147 26.03 32.41 -13.52
CA TRP F 147 25.02 32.38 -12.46
C TRP F 147 24.29 33.73 -12.46
N PRO F 148 22.94 33.70 -12.58
CA PRO F 148 22.11 34.91 -12.62
C PRO F 148 22.33 35.83 -11.42
N GLU F 149 21.98 37.10 -11.57
CA GLU F 149 22.07 38.06 -10.48
C GLU F 149 21.22 37.65 -9.26
N GLN F 150 20.20 36.81 -9.49
CA GLN F 150 19.33 36.35 -8.41
C GLN F 150 20.05 35.45 -7.38
N LEU F 151 21.09 34.74 -7.83
CA LEU F 151 21.86 33.89 -6.91
C LEU F 151 22.62 34.73 -5.94
N GLY F 152 22.41 34.48 -4.65
CA GLY F 152 23.14 35.17 -3.59
C GLY F 152 22.60 36.53 -3.31
N HIS F 153 21.55 36.94 -3.98
CA HIS F 153 21.04 38.29 -3.86
C HIS F 153 20.38 38.58 -2.51
N LYS F 154 20.88 39.60 -1.83
CA LYS F 154 20.23 40.15 -0.64
C LYS F 154 18.99 41.00 -1.00
N ILE F 155 17.87 40.73 -0.36
CA ILE F 155 16.67 41.52 -0.48
C ILE F 155 16.87 42.94 0.09
N ALA F 156 16.56 43.94 -0.73
CA ALA F 156 16.64 45.35 -0.31
C ALA F 156 15.83 46.24 -1.24
N ILE F 157 15.26 47.31 -0.69
CA ILE F 157 14.74 48.39 -1.49
C ILE F 157 15.92 49.23 -2.02
N PRO F 158 16.04 49.38 -3.35
CA PRO F 158 17.13 50.22 -3.90
C PRO F 158 16.92 51.71 -3.53
#